data_7LT1
#
_entry.id   7LT1
#
_cell.length_a   102.170
_cell.length_b   127.822
_cell.length_c   198.235
_cell.angle_alpha   90.000
_cell.angle_beta   90.000
_cell.angle_gamma   90.000
#
_symmetry.space_group_name_H-M   'I 2 2 2'
#
loop_
_entity.id
_entity.type
_entity.pdbx_description
1 polymer 'Protein MB21D2'
2 non-polymer 'SULFATE ION'
#
_entity_poly.entity_id   1
_entity_poly.type   'polypeptide(L)'
_entity_poly.pdbx_seq_one_letter_code
;SSGARVEELNKLIQEFTKHDQREYDDQRALEIHTAKDFIFS(MSE)LG(MSE)VQKLDQKLPVANEYLLLSGGVREGVVD
LDLDELNVYARGTDYD(MSE)DFTLLVPALKLHDRNQPVTLD(MSE)RHSALCHSWLSLRLFDEGTISKWKDCCTIVDHI
NGATNYFFSPTKVADWFYDSISIVLSEIQKKPQRG(MSE)PKVEKVEKNGTIISIILGVGSSR(MSE)LYDIVPVVSFKG
WPAVAQSWL(MSE)ENHFWDGKITEEEVISGFYLVPACSYKGKKDNEWRLSFARSEVQLKKCISSSL(MSE)QAYQACKA
IIIKLLSRPKAISPYHLRS(MSE)(MSE)LWACDRLPANYLAQEDYAAHFLLGLIDDLQHCLVNK(MSE)CPNYFIPQCN
(MSE)LEHLSEETV(MSE)LHARKLSSVRSDPAEHLRTAIEHVKAANRLTLELQRRGSTTSIPSPQSDGGDPNQPDDRLA
KKLQQLVTENPGKSISVFINPDDVTRPHFRIDDKFF
;
_entity_poly.pdbx_strand_id   A,B
#
loop_
_chem_comp.id
_chem_comp.type
_chem_comp.name
_chem_comp.formula
SO4 non-polymer 'SULFATE ION' 'O4 S -2'
#
# COMPACT_ATOMS: atom_id res chain seq x y z
N SER A 1 35.17 -55.63 7.83
CA SER A 1 34.54 -55.65 6.51
C SER A 1 33.60 -54.47 6.33
N SER A 2 33.70 -53.80 5.18
CA SER A 2 32.83 -52.67 4.91
C SER A 2 31.37 -53.07 4.82
N GLY A 3 31.09 -54.35 4.54
CA GLY A 3 29.72 -54.83 4.57
C GLY A 3 29.12 -54.81 5.96
N ALA A 4 29.96 -54.92 6.99
CA ALA A 4 29.46 -54.79 8.36
C ALA A 4 29.17 -53.34 8.71
N ARG A 5 29.92 -52.40 8.15
CA ARG A 5 29.63 -50.99 8.37
C ARG A 5 28.33 -50.57 7.69
N VAL A 6 28.02 -51.17 6.54
CA VAL A 6 26.77 -50.85 5.85
C VAL A 6 25.57 -51.35 6.65
N GLU A 7 25.68 -52.56 7.20
CA GLU A 7 24.57 -53.13 7.96
C GLU A 7 24.29 -52.32 9.23
N GLU A 8 25.33 -51.75 9.84
CA GLU A 8 25.13 -50.95 11.04
C GLU A 8 24.34 -49.68 10.73
N LEU A 9 24.66 -49.01 9.62
CA LEU A 9 23.91 -47.83 9.23
C LEU A 9 22.48 -48.20 8.82
N ASN A 10 22.32 -49.32 8.09
CA ASN A 10 20.98 -49.78 7.75
C ASN A 10 20.15 -50.03 9.01
N LYS A 11 20.78 -50.57 10.05
CA LYS A 11 20.07 -50.78 11.31
C LYS A 11 19.72 -49.46 11.99
N LEU A 12 20.65 -48.50 11.97
CA LEU A 12 20.40 -47.23 12.64
C LEU A 12 19.42 -46.38 11.85
N ILE A 13 19.49 -46.41 10.51
CA ILE A 13 18.51 -45.70 9.70
C ILE A 13 17.12 -46.27 9.90
N GLN A 14 17.02 -47.61 9.98
CA GLN A 14 15.73 -48.24 10.22
C GLN A 14 15.22 -47.92 11.62
N GLU A 15 16.12 -47.90 12.61
CA GLU A 15 15.71 -47.52 13.97
C GLU A 15 15.31 -46.05 14.03
N PHE A 16 16.06 -45.18 13.34
CA PHE A 16 15.69 -43.77 13.31
C PHE A 16 14.31 -43.57 12.65
N THR A 17 14.05 -44.30 11.56
CA THR A 17 12.76 -44.19 10.90
C THR A 17 11.62 -44.64 11.81
N LYS A 18 11.88 -45.61 12.69
CA LYS A 18 10.85 -46.09 13.59
C LYS A 18 10.36 -44.98 14.51
N HIS A 19 11.27 -44.18 15.05
CA HIS A 19 10.90 -43.10 15.96
C HIS A 19 10.64 -41.78 15.26
N ASP A 20 11.04 -41.64 13.98
CA ASP A 20 10.81 -40.41 13.25
C ASP A 20 9.45 -40.38 12.55
N GLN A 21 8.95 -41.53 12.11
CA GLN A 21 7.63 -41.57 11.49
C GLN A 21 6.56 -41.18 12.50
N ARG A 22 5.56 -40.43 12.03
CA ARG A 22 4.47 -39.95 12.87
C ARG A 22 3.27 -40.87 12.69
N GLU A 23 2.91 -41.60 13.75
CA GLU A 23 1.71 -42.41 13.77
C GLU A 23 0.78 -41.86 14.83
N TYR A 24 -0.42 -41.46 14.43
CA TYR A 24 -1.39 -40.84 15.32
C TYR A 24 -2.57 -41.79 15.52
N ASP A 25 -3.03 -41.88 16.77
CA ASP A 25 -4.23 -42.65 17.07
C ASP A 25 -5.47 -41.84 16.71
N ASP A 26 -6.64 -42.40 17.02
CA ASP A 26 -7.89 -41.71 16.69
C ASP A 26 -8.05 -40.42 17.48
N GLN A 27 -7.55 -40.38 18.72
CA GLN A 27 -7.69 -39.17 19.53
C GLN A 27 -6.81 -38.05 18.99
N ARG A 28 -5.53 -38.35 18.71
CA ARG A 28 -4.64 -37.34 18.15
C ARG A 28 -5.08 -36.89 16.77
N ALA A 29 -5.65 -37.79 15.97
CA ALA A 29 -6.09 -37.43 14.63
C ALA A 29 -7.23 -36.42 14.69
N LEU A 30 -8.12 -36.53 15.68
CA LEU A 30 -9.19 -35.55 15.82
C LEU A 30 -8.66 -34.24 16.37
N GLU A 31 -7.66 -34.29 17.24
CA GLU A 31 -7.06 -33.07 17.77
C GLU A 31 -6.40 -32.26 16.67
N ILE A 32 -5.77 -32.94 15.70
CA ILE A 32 -5.14 -32.23 14.60
C ILE A 32 -6.18 -31.63 13.67
N HIS A 33 -7.25 -32.39 13.38
CA HIS A 33 -8.28 -31.89 12.49
C HIS A 33 -9.03 -30.71 13.09
N THR A 34 -9.27 -30.74 14.40
CA THR A 34 -9.94 -29.62 15.06
C THR A 34 -9.11 -28.35 14.96
N ALA A 35 -7.79 -28.46 15.12
CA ALA A 35 -6.92 -27.30 15.01
C ALA A 35 -6.87 -26.80 13.57
N LYS A 36 -6.77 -27.72 12.60
CA LYS A 36 -6.78 -27.31 11.20
C LYS A 36 -8.09 -26.63 10.83
N ASP A 37 -9.21 -27.14 11.34
CA ASP A 37 -10.50 -26.53 11.06
C ASP A 37 -10.58 -25.12 11.62
N PHE A 38 -9.99 -24.90 12.81
CA PHE A 38 -10.00 -23.56 13.40
C PHE A 38 -9.14 -22.59 12.58
N ILE A 39 -8.00 -23.07 12.06
CA ILE A 39 -7.17 -22.24 11.20
C ILE A 39 -7.91 -21.86 9.93
N PHE A 40 -8.60 -22.83 9.32
CA PHE A 40 -9.31 -22.56 8.07
C PHE A 40 -10.47 -21.58 8.29
N SER A 41 -11.17 -21.71 9.43
CA SER A 41 -12.23 -20.77 9.74
C SER A 41 -11.67 -19.39 10.08
N MSE A 42 -10.51 -19.34 10.71
CA MSE A 42 -9.84 -18.07 11.01
C MSE A 42 -9.52 -17.33 9.73
O MSE A 42 -9.79 -16.14 9.61
CB MSE A 42 -8.57 -18.32 11.82
CG MSE A 42 -7.77 -17.06 12.12
SE MSE A 42 -6.00 -17.47 12.81
CE MSE A 42 -5.29 -18.39 11.25
N LEU A 43 -8.95 -18.05 8.76
CA LEU A 43 -8.64 -17.45 7.47
C LEU A 43 -9.90 -17.04 6.72
N GLY A 44 -11.01 -17.77 6.93
CA GLY A 44 -12.27 -17.33 6.38
C GLY A 44 -12.73 -16.01 6.97
N MSE A 45 -12.55 -15.84 8.28
CA MSE A 45 -12.93 -14.61 8.96
C MSE A 45 -11.98 -13.47 8.60
O MSE A 45 -12.37 -12.30 8.58
CB MSE A 45 -12.97 -14.82 10.47
CG MSE A 45 -14.00 -15.85 10.92
SE MSE A 45 -13.85 -16.34 12.80
CE MSE A 45 -14.23 -14.60 13.59
N VAL A 46 -10.72 -13.82 8.31
CA VAL A 46 -9.77 -12.82 7.82
C VAL A 46 -10.22 -12.31 6.46
N GLN A 47 -10.77 -13.19 5.63
CA GLN A 47 -11.32 -12.75 4.35
C GLN A 47 -12.56 -11.89 4.52
N LYS A 48 -13.36 -12.15 5.56
CA LYS A 48 -14.56 -11.36 5.77
C LYS A 48 -14.23 -9.97 6.32
N LEU A 49 -13.18 -9.86 7.13
CA LEU A 49 -12.78 -8.59 7.73
C LEU A 49 -12.40 -7.59 6.65
N ASP A 50 -11.32 -7.87 5.92
CA ASP A 50 -10.91 -7.12 4.75
C ASP A 50 -11.18 -7.95 3.52
N GLN A 51 -11.90 -7.38 2.55
CA GLN A 51 -12.27 -8.12 1.36
C GLN A 51 -11.09 -8.30 0.41
N LYS A 52 -9.89 -8.52 0.96
CA LYS A 52 -8.67 -8.63 0.17
C LYS A 52 -8.40 -10.06 -0.27
N LEU A 53 -8.49 -11.01 0.65
CA LEU A 53 -8.25 -12.40 0.29
C LEU A 53 -9.30 -12.88 -0.71
N PRO A 54 -8.93 -13.77 -1.63
CA PRO A 54 -9.91 -14.26 -2.61
C PRO A 54 -11.03 -15.03 -1.93
N VAL A 55 -12.24 -14.89 -2.48
CA VAL A 55 -13.39 -15.59 -1.91
C VAL A 55 -13.25 -17.09 -2.09
N ALA A 56 -12.83 -17.53 -3.28
CA ALA A 56 -12.56 -18.94 -3.56
C ALA A 56 -11.06 -19.15 -3.52
N ASN A 57 -10.55 -19.57 -2.38
CA ASN A 57 -9.11 -19.75 -2.19
C ASN A 57 -8.80 -21.22 -1.91
N GLU A 58 -7.60 -21.63 -2.30
CA GLU A 58 -7.14 -23.01 -2.18
C GLU A 58 -5.81 -23.02 -1.43
N TYR A 59 -5.82 -23.53 -0.20
CA TYR A 59 -4.62 -23.58 0.62
C TYR A 59 -3.79 -24.81 0.29
N LEU A 60 -2.53 -24.79 0.72
CA LEU A 60 -1.62 -25.91 0.58
C LEU A 60 -1.02 -26.23 1.94
N LEU A 61 -1.46 -27.34 2.54
CA LEU A 61 -1.00 -27.77 3.85
C LEU A 61 0.11 -28.80 3.70
N LEU A 62 1.23 -28.59 4.39
CA LEU A 62 2.36 -29.49 4.35
C LEU A 62 2.65 -30.04 5.74
N SER A 63 3.16 -31.27 5.78
CA SER A 63 3.30 -32.01 7.03
C SER A 63 4.39 -31.44 7.95
N GLY A 64 5.25 -30.57 7.46
CA GLY A 64 6.31 -30.03 8.29
C GLY A 64 6.31 -28.52 8.39
N GLY A 65 6.94 -27.99 9.43
CA GLY A 65 7.02 -26.55 9.59
C GLY A 65 8.02 -25.92 8.64
N VAL A 66 8.03 -24.59 8.62
CA VAL A 66 8.96 -23.86 7.75
C VAL A 66 10.39 -24.14 8.16
N ARG A 67 10.67 -24.13 9.46
CA ARG A 67 12.02 -24.39 9.97
C ARG A 67 12.49 -25.81 9.69
N GLU A 68 11.61 -26.69 9.23
CA GLU A 68 11.99 -28.04 8.81
C GLU A 68 12.38 -28.10 7.34
N GLY A 69 12.40 -26.97 6.64
CA GLY A 69 12.82 -26.93 5.25
C GLY A 69 11.87 -27.59 4.27
N VAL A 70 10.57 -27.36 4.43
CA VAL A 70 9.59 -27.92 3.51
C VAL A 70 9.35 -27.02 2.29
N VAL A 71 9.61 -25.71 2.42
CA VAL A 71 9.50 -24.78 1.30
C VAL A 71 10.78 -23.97 1.23
N ASP A 72 11.03 -23.40 0.05
CA ASP A 72 12.25 -22.62 -0.20
C ASP A 72 12.09 -21.25 0.43
N LEU A 73 12.35 -21.20 1.74
CA LEU A 73 12.28 -19.96 2.52
C LEU A 73 13.63 -19.72 3.20
N ASP A 74 13.92 -18.45 3.45
CA ASP A 74 15.13 -18.05 4.16
C ASP A 74 14.95 -18.35 5.64
N LEU A 75 15.57 -19.45 6.10
CA LEU A 75 15.42 -19.87 7.49
C LEU A 75 16.22 -19.01 8.46
N ASP A 76 17.16 -18.20 7.97
CA ASP A 76 17.91 -17.34 8.86
C ASP A 76 17.02 -16.24 9.42
N GLU A 77 17.44 -15.68 10.56
CA GLU A 77 16.67 -14.68 11.30
C GLU A 77 15.28 -15.19 11.68
N LEU A 78 15.17 -16.49 11.97
CA LEU A 78 13.94 -17.09 12.44
C LEU A 78 14.18 -17.71 13.80
N ASN A 79 13.33 -17.39 14.76
CA ASN A 79 13.43 -17.98 16.09
C ASN A 79 13.18 -19.48 16.03
N VAL A 80 13.84 -20.21 16.92
CA VAL A 80 13.83 -21.67 16.89
C VAL A 80 12.70 -22.18 17.78
N TYR A 81 11.90 -23.10 17.24
CA TYR A 81 10.90 -23.84 18.00
C TYR A 81 11.32 -25.30 18.08
N ALA A 82 11.25 -25.86 19.29
CA ALA A 82 11.70 -27.22 19.52
C ALA A 82 10.49 -28.15 19.63
N ARG A 83 10.56 -29.30 18.95
CA ARG A 83 9.50 -30.28 19.05
C ARG A 83 9.53 -30.94 20.42
N GLY A 84 8.35 -31.11 21.01
CA GLY A 84 8.21 -31.61 22.35
C GLY A 84 8.29 -30.53 23.42
N THR A 85 8.98 -29.43 23.14
CA THR A 85 9.07 -28.31 24.07
C THR A 85 8.01 -27.25 23.78
N ASP A 86 7.91 -26.80 22.54
CA ASP A 86 6.96 -25.76 22.16
C ASP A 86 5.79 -26.28 21.34
N TYR A 87 5.97 -27.38 20.60
CA TYR A 87 4.89 -27.92 19.79
C TYR A 87 5.01 -29.44 19.77
N ASP A 88 3.91 -30.10 19.40
CA ASP A 88 3.85 -31.54 19.23
C ASP A 88 3.74 -31.98 17.79
N MSE A 89 3.00 -31.23 16.97
CA MSE A 89 2.98 -31.45 15.52
C MSE A 89 3.13 -30.09 14.83
O MSE A 89 2.58 -29.10 15.29
CB MSE A 89 1.68 -32.14 15.07
CG MSE A 89 1.40 -33.47 15.76
SE MSE A 89 0.43 -33.25 17.43
CE MSE A 89 0.37 -35.11 18.01
N ASP A 90 3.88 -30.07 13.73
CA ASP A 90 4.14 -28.83 13.01
C ASP A 90 3.54 -28.91 11.61
N PHE A 91 3.12 -27.75 11.10
CA PHE A 91 2.54 -27.65 9.76
C PHE A 91 2.92 -26.30 9.18
N THR A 92 2.96 -26.23 7.85
CA THR A 92 3.06 -24.95 7.15
C THR A 92 1.92 -24.87 6.14
N LEU A 93 1.36 -23.67 6.01
CA LEU A 93 0.15 -23.47 5.20
C LEU A 93 0.37 -22.29 4.27
N LEU A 94 0.37 -22.56 2.97
CA LEU A 94 0.49 -21.52 1.97
C LEU A 94 -0.90 -20.97 1.66
N VAL A 95 -1.10 -19.68 1.95
CA VAL A 95 -2.39 -19.03 1.76
C VAL A 95 -2.27 -18.07 0.57
N PRO A 96 -2.82 -18.41 -0.59
CA PRO A 96 -2.71 -17.52 -1.76
C PRO A 96 -3.47 -16.22 -1.54
N ALA A 97 -2.73 -15.11 -1.59
CA ALA A 97 -3.33 -13.78 -1.54
C ALA A 97 -3.78 -13.28 -2.91
N LEU A 98 -3.26 -13.87 -3.99
CA LEU A 98 -3.67 -13.54 -5.34
C LEU A 98 -3.64 -14.81 -6.19
N LYS A 99 -4.55 -14.88 -7.15
CA LYS A 99 -4.62 -15.99 -8.09
C LYS A 99 -4.47 -15.45 -9.49
N LEU A 100 -3.40 -15.85 -10.18
CA LEU A 100 -3.11 -15.40 -11.53
C LEU A 100 -3.10 -16.58 -12.48
N HIS A 101 -3.17 -16.28 -13.77
CA HIS A 101 -3.19 -17.29 -14.82
C HIS A 101 -1.82 -17.41 -15.49
N ASP A 102 -1.72 -18.39 -16.39
CA ASP A 102 -0.48 -18.60 -17.12
C ASP A 102 -0.21 -17.44 -18.09
N ARG A 103 -1.27 -16.89 -18.67
CA ARG A 103 -1.11 -15.79 -19.62
C ARG A 103 -0.63 -14.50 -18.95
N ASN A 104 -0.75 -14.41 -17.62
CA ASN A 104 -0.37 -13.21 -16.89
C ASN A 104 1.08 -13.21 -16.44
N GLN A 105 1.88 -14.18 -16.87
CA GLN A 105 3.27 -14.23 -16.43
C GLN A 105 4.13 -13.14 -17.07
N PRO A 106 4.20 -13.00 -18.40
CA PRO A 106 5.15 -12.04 -18.98
C PRO A 106 4.80 -10.59 -18.71
N VAL A 107 3.60 -10.28 -18.22
CA VAL A 107 3.18 -8.91 -18.01
C VAL A 107 3.12 -8.52 -16.55
N THR A 108 3.22 -9.48 -15.62
CA THR A 108 3.19 -9.18 -14.20
C THR A 108 4.49 -9.52 -13.48
N LEU A 109 5.19 -10.58 -13.92
CA LEU A 109 6.46 -10.96 -13.33
C LEU A 109 7.54 -10.03 -13.86
N ASP A 110 8.02 -9.12 -13.01
CA ASP A 110 9.08 -8.18 -13.37
C ASP A 110 10.39 -8.70 -12.80
N MSE A 111 11.25 -9.22 -13.67
CA MSE A 111 12.51 -9.82 -13.23
C MSE A 111 13.72 -9.03 -13.73
O MSE A 111 14.77 -9.61 -13.99
CB MSE A 111 12.60 -11.27 -13.72
CG MSE A 111 11.36 -12.09 -13.44
SE MSE A 111 11.54 -13.93 -14.07
CE MSE A 111 12.20 -13.55 -15.87
N ARG A 112 13.56 -7.71 -13.86
CA ARG A 112 14.67 -6.88 -14.33
C ARG A 112 15.60 -6.47 -13.20
N HIS A 113 15.15 -6.51 -11.95
CA HIS A 113 15.97 -6.19 -10.80
C HIS A 113 16.11 -7.37 -9.85
N SER A 114 15.94 -8.59 -10.35
CA SER A 114 15.91 -9.79 -9.52
C SER A 114 16.88 -10.82 -10.07
N ALA A 115 17.48 -11.58 -9.15
CA ALA A 115 18.31 -12.71 -9.53
C ALA A 115 17.42 -13.87 -9.98
N LEU A 116 18.07 -14.96 -10.36
CA LEU A 116 17.34 -16.15 -10.81
C LEU A 116 16.49 -16.71 -9.68
N CYS A 117 15.38 -17.36 -10.06
CA CYS A 117 14.40 -17.93 -9.14
C CYS A 117 13.70 -16.88 -8.29
N HIS A 118 13.84 -15.60 -8.63
CA HIS A 118 13.20 -14.52 -7.91
C HIS A 118 12.58 -13.54 -8.90
N SER A 119 11.67 -12.71 -8.42
CA SER A 119 10.94 -11.79 -9.28
C SER A 119 10.20 -10.77 -8.44
N TRP A 120 9.92 -9.63 -9.04
CA TRP A 120 8.92 -8.70 -8.54
C TRP A 120 7.57 -9.01 -9.17
N LEU A 121 6.52 -8.43 -8.61
CA LEU A 121 5.15 -8.67 -9.09
C LEU A 121 4.48 -7.33 -9.36
N SER A 122 4.27 -7.02 -10.64
CA SER A 122 3.66 -5.76 -11.04
C SER A 122 2.14 -5.90 -11.10
N LEU A 123 1.44 -5.07 -10.34
CA LEU A 123 -0.01 -5.02 -10.36
C LEU A 123 -0.55 -3.89 -11.25
N ARG A 124 0.30 -3.36 -12.13
CA ARG A 124 -0.10 -2.21 -12.94
C ARG A 124 -1.23 -2.55 -13.90
N LEU A 125 -1.15 -3.72 -14.54
CA LEU A 125 -2.09 -4.09 -15.59
C LEU A 125 -3.34 -4.78 -15.05
N PHE A 126 -3.66 -4.61 -13.76
CA PHE A 126 -4.87 -5.18 -13.20
C PHE A 126 -6.01 -4.17 -13.28
N ASP A 127 -7.22 -4.65 -12.99
CA ASP A 127 -8.37 -3.78 -12.95
C ASP A 127 -8.26 -2.79 -11.79
N GLU A 128 -9.01 -1.69 -11.89
CA GLU A 128 -8.92 -0.64 -10.89
C GLU A 128 -9.37 -1.14 -9.52
N GLY A 129 -10.26 -2.12 -9.48
CA GLY A 129 -10.70 -2.65 -8.20
C GLY A 129 -9.60 -3.41 -7.46
N THR A 130 -8.84 -4.23 -8.20
CA THR A 130 -7.77 -5.00 -7.57
C THR A 130 -6.63 -4.08 -7.13
N ILE A 131 -6.31 -3.08 -7.94
CA ILE A 131 -5.22 -2.16 -7.60
C ILE A 131 -5.58 -1.36 -6.34
N SER A 132 -6.81 -0.85 -6.28
CA SER A 132 -7.26 -0.13 -5.09
C SER A 132 -7.39 -1.06 -3.89
N LYS A 133 -7.59 -2.35 -4.11
CA LYS A 133 -7.76 -3.28 -3.00
C LYS A 133 -6.43 -3.64 -2.36
N TRP A 134 -5.32 -3.55 -3.10
CA TRP A 134 -3.99 -3.89 -2.59
C TRP A 134 -3.04 -2.71 -2.66
N LYS A 135 -3.56 -1.49 -2.82
CA LYS A 135 -2.68 -0.33 -2.96
C LYS A 135 -1.83 -0.10 -1.72
N ASP A 136 -2.39 -0.37 -0.54
CA ASP A 136 -1.65 -0.18 0.70
C ASP A 136 -0.64 -1.29 0.97
N CYS A 137 -0.67 -2.38 0.20
CA CYS A 137 0.29 -3.47 0.34
C CYS A 137 1.29 -3.49 -0.81
N CYS A 138 1.37 -2.43 -1.61
CA CYS A 138 2.27 -2.36 -2.74
C CYS A 138 3.31 -1.25 -2.53
N THR A 139 4.44 -1.40 -3.20
CA THR A 139 5.43 -0.34 -3.28
C THR A 139 5.07 0.51 -4.49
N ILE A 140 4.51 1.69 -4.23
CA ILE A 140 4.09 2.58 -5.30
C ILE A 140 5.31 3.32 -5.83
N VAL A 141 5.52 3.26 -7.15
CA VAL A 141 6.67 3.88 -7.80
C VAL A 141 6.14 4.89 -8.80
N ASP A 142 6.25 6.17 -8.47
CA ASP A 142 5.87 7.24 -9.38
C ASP A 142 7.03 7.60 -10.30
N HIS A 143 6.69 8.04 -11.51
CA HIS A 143 7.68 8.38 -12.52
C HIS A 143 7.39 9.76 -13.08
N ILE A 144 8.44 10.43 -13.55
CA ILE A 144 8.26 11.70 -14.25
C ILE A 144 7.48 11.48 -15.53
N ASN A 145 7.80 10.41 -16.26
CA ASN A 145 7.06 10.01 -17.44
C ASN A 145 6.88 8.50 -17.42
N GLY A 146 5.76 8.04 -17.97
CA GLY A 146 5.39 6.64 -17.90
C GLY A 146 4.37 6.38 -16.81
N ALA A 147 3.67 5.26 -16.96
CA ALA A 147 2.61 4.92 -16.02
C ALA A 147 3.19 4.58 -14.65
N THR A 148 2.46 4.96 -13.60
CA THR A 148 2.86 4.62 -12.25
C THR A 148 2.72 3.12 -12.02
N ASN A 149 3.77 2.51 -11.48
CA ASN A 149 3.80 1.07 -11.26
C ASN A 149 3.45 0.72 -9.82
N TYR A 150 2.92 -0.48 -9.63
CA TYR A 150 2.55 -1.00 -8.31
C TYR A 150 3.16 -2.38 -8.17
N PHE A 151 4.16 -2.51 -7.29
CA PHE A 151 4.83 -3.78 -7.06
C PHE A 151 4.29 -4.42 -5.79
N PHE A 152 3.74 -5.62 -5.93
CA PHE A 152 3.20 -6.37 -4.80
C PHE A 152 4.30 -6.64 -3.78
N SER A 153 4.19 -6.04 -2.60
CA SER A 153 5.27 -6.06 -1.61
C SER A 153 5.13 -7.26 -0.69
N PRO A 154 6.18 -8.08 -0.52
CA PRO A 154 6.10 -9.16 0.47
C PRO A 154 6.08 -8.66 1.90
N THR A 155 6.70 -7.51 2.17
CA THR A 155 6.75 -6.99 3.53
C THR A 155 5.39 -6.43 3.96
N LYS A 156 4.83 -5.54 3.16
CA LYS A 156 3.54 -4.92 3.52
C LYS A 156 2.45 -5.98 3.62
N VAL A 157 2.49 -6.99 2.75
CA VAL A 157 1.50 -8.06 2.79
C VAL A 157 1.61 -8.85 4.09
N ALA A 158 2.84 -9.13 4.55
CA ALA A 158 3.01 -9.88 5.77
C ALA A 158 2.50 -9.11 6.98
N ASP A 159 2.75 -7.79 7.02
CA ASP A 159 2.25 -6.99 8.13
C ASP A 159 0.73 -6.93 8.15
N TRP A 160 0.11 -6.78 6.99
CA TRP A 160 -1.35 -6.82 6.92
C TRP A 160 -1.88 -8.20 7.28
N PHE A 161 -1.21 -9.25 6.79
CA PHE A 161 -1.65 -10.61 7.09
C PHE A 161 -1.56 -10.90 8.58
N TYR A 162 -0.54 -10.37 9.25
CA TYR A 162 -0.40 -10.56 10.69
C TYR A 162 -1.39 -9.71 11.47
N ASP A 163 -1.65 -8.47 11.02
CA ASP A 163 -2.60 -7.61 11.72
C ASP A 163 -4.02 -8.15 11.58
N SER A 164 -4.36 -8.68 10.40
CA SER A 164 -5.70 -9.25 10.21
C SER A 164 -5.90 -10.48 11.07
N ILE A 165 -4.89 -11.35 11.17
CA ILE A 165 -4.99 -12.51 12.04
C ILE A 165 -5.07 -12.08 13.50
N SER A 166 -4.31 -11.05 13.88
CA SER A 166 -4.34 -10.57 15.25
C SER A 166 -5.71 -9.99 15.60
N ILE A 167 -6.37 -9.35 14.63
CA ILE A 167 -7.69 -8.76 14.89
C ILE A 167 -8.73 -9.86 15.05
N VAL A 168 -8.71 -10.85 14.15
CA VAL A 168 -9.70 -11.92 14.20
C VAL A 168 -9.54 -12.74 15.47
N LEU A 169 -8.30 -13.06 15.85
CA LEU A 169 -8.07 -13.84 17.05
C LEU A 169 -8.38 -13.05 18.31
N SER A 170 -8.14 -11.73 18.30
CA SER A 170 -8.44 -10.93 19.47
C SER A 170 -9.94 -10.83 19.73
N GLU A 171 -10.75 -10.81 18.68
CA GLU A 171 -12.19 -10.79 18.87
C GLU A 171 -12.70 -12.10 19.44
N ILE A 172 -12.12 -13.23 19.01
CA ILE A 172 -12.51 -14.53 19.54
C ILE A 172 -12.13 -14.65 21.01
N GLN A 173 -11.04 -13.99 21.43
CA GLN A 173 -10.63 -14.04 22.82
C GLN A 173 -11.64 -13.35 23.73
N LYS A 174 -12.34 -12.34 23.23
CA LYS A 174 -13.30 -11.62 24.07
C LYS A 174 -14.50 -12.50 24.41
N LYS A 175 -15.02 -13.23 23.43
CA LYS A 175 -16.14 -14.13 23.67
C LYS A 175 -15.71 -15.27 24.59
N PRO A 176 -16.65 -15.91 25.28
CA PRO A 176 -16.30 -17.01 26.17
C PRO A 176 -15.57 -18.13 25.42
N GLN A 177 -14.68 -18.80 26.15
CA GLN A 177 -13.82 -19.84 25.57
C GLN A 177 -14.43 -21.20 25.89
N ARG A 178 -15.25 -21.69 24.96
CA ARG A 178 -15.79 -23.05 25.02
C ARG A 178 -15.73 -23.64 23.62
N GLY A 179 -14.99 -24.72 23.48
CA GLY A 179 -14.80 -25.34 22.17
C GLY A 179 -13.80 -24.65 21.28
N MSE A 180 -13.15 -23.59 21.75
CA MSE A 180 -12.16 -22.88 20.95
C MSE A 180 -10.75 -23.31 21.34
O MSE A 180 -10.43 -23.39 22.53
CB MSE A 180 -12.32 -21.36 21.12
CG MSE A 180 -13.68 -20.81 20.74
SE MSE A 180 -14.11 -21.07 18.85
CE MSE A 180 -15.82 -20.14 18.81
N PRO A 181 -9.91 -23.60 20.34
CA PRO A 181 -8.52 -23.97 20.64
C PRO A 181 -7.80 -22.84 21.35
N LYS A 182 -7.08 -23.19 22.41
CA LYS A 182 -6.30 -22.21 23.16
C LYS A 182 -5.08 -21.82 22.35
N VAL A 183 -5.02 -20.56 21.92
CA VAL A 183 -3.90 -20.08 21.12
C VAL A 183 -2.70 -19.90 22.05
N GLU A 184 -1.65 -20.69 21.83
CA GLU A 184 -0.48 -20.65 22.69
C GLU A 184 0.45 -19.49 22.33
N LYS A 185 0.54 -19.14 21.05
CA LYS A 185 1.50 -18.13 20.62
C LYS A 185 1.08 -17.59 19.26
N VAL A 186 1.26 -16.28 19.07
CA VAL A 186 1.03 -15.61 17.80
C VAL A 186 2.19 -14.65 17.58
N GLU A 187 3.03 -14.94 16.59
CA GLU A 187 4.21 -14.13 16.32
C GLU A 187 4.38 -13.93 14.82
N LYS A 188 4.93 -12.78 14.46
CA LYS A 188 5.29 -12.47 13.08
C LYS A 188 6.80 -12.59 12.97
N ASN A 189 7.27 -13.71 12.43
CA ASN A 189 8.69 -13.97 12.25
C ASN A 189 9.05 -13.70 10.80
N GLY A 190 9.40 -12.45 10.50
CA GLY A 190 9.67 -12.07 9.12
C GLY A 190 8.37 -12.01 8.35
N THR A 191 8.35 -12.64 7.18
CA THR A 191 7.15 -12.78 6.37
C THR A 191 6.34 -14.02 6.72
N ILE A 192 6.57 -14.59 7.90
CA ILE A 192 5.91 -15.81 8.33
C ILE A 192 5.12 -15.52 9.60
N ILE A 193 3.90 -16.03 9.68
CA ILE A 193 3.05 -15.91 10.86
C ILE A 193 2.94 -17.29 11.49
N SER A 194 3.45 -17.43 12.71
CA SER A 194 3.45 -18.70 13.41
C SER A 194 2.39 -18.68 14.51
N ILE A 195 1.51 -19.68 14.51
CA ILE A 195 0.45 -19.83 15.50
C ILE A 195 0.57 -21.22 16.10
N ILE A 196 0.53 -21.30 17.42
CA ILE A 196 0.55 -22.57 18.15
C ILE A 196 -0.80 -22.74 18.83
N LEU A 197 -1.53 -23.78 18.45
CA LEU A 197 -2.86 -24.06 18.99
C LEU A 197 -2.82 -25.25 19.93
N GLY A 198 -3.54 -25.14 21.03
CA GLY A 198 -3.65 -26.24 21.98
C GLY A 198 -5.02 -26.87 21.96
N VAL A 199 -5.13 -28.03 21.31
CA VAL A 199 -6.40 -28.74 21.18
C VAL A 199 -6.25 -30.07 21.93
N GLY A 200 -6.83 -30.14 23.13
CA GLY A 200 -6.78 -31.37 23.89
C GLY A 200 -5.41 -31.61 24.50
N SER A 201 -4.85 -32.79 24.26
CA SER A 201 -3.58 -33.18 24.84
C SER A 201 -2.37 -32.72 24.02
N SER A 202 -2.56 -32.37 22.74
CA SER A 202 -1.47 -32.05 21.85
C SER A 202 -1.50 -30.57 21.48
N ARG A 203 -0.33 -30.07 21.06
CA ARG A 203 -0.17 -28.70 20.59
C ARG A 203 0.25 -28.72 19.13
N MSE A 204 -0.34 -27.83 18.34
CA MSE A 204 -0.06 -27.79 16.90
C MSE A 204 0.57 -26.47 16.48
O MSE A 204 0.08 -25.40 16.82
CB MSE A 204 -1.35 -28.01 16.11
CG MSE A 204 -2.46 -28.66 16.92
SE MSE A 204 -2.16 -30.55 17.29
CE MSE A 204 -3.65 -30.82 18.50
N LEU A 205 1.66 -26.56 15.72
CA LEU A 205 2.34 -25.39 15.18
C LEU A 205 1.97 -25.22 13.71
N TYR A 206 1.50 -24.02 13.36
CA TYR A 206 1.12 -23.69 11.99
C TYR A 206 1.93 -22.48 11.53
N ASP A 207 2.79 -22.69 10.55
CA ASP A 207 3.55 -21.60 9.92
C ASP A 207 2.79 -21.15 8.68
N ILE A 208 1.99 -20.10 8.83
CA ILE A 208 1.14 -19.61 7.75
C ILE A 208 1.94 -18.60 6.93
N VAL A 209 1.94 -18.80 5.61
CA VAL A 209 2.77 -18.03 4.70
C VAL A 209 1.87 -17.33 3.69
N PRO A 210 1.93 -16.00 3.57
CA PRO A 210 1.20 -15.31 2.50
C PRO A 210 1.89 -15.52 1.16
N VAL A 211 1.16 -16.11 0.20
CA VAL A 211 1.73 -16.54 -1.06
C VAL A 211 0.92 -15.96 -2.21
N VAL A 212 1.56 -15.82 -3.36
CA VAL A 212 0.89 -15.47 -4.61
C VAL A 212 0.77 -16.73 -5.45
N SER A 213 -0.45 -17.10 -5.83
CA SER A 213 -0.70 -18.32 -6.57
C SER A 213 -0.69 -18.06 -8.07
N PHE A 214 -0.04 -18.95 -8.81
CA PHE A 214 0.06 -18.88 -10.26
C PHE A 214 -0.45 -20.18 -10.87
N LYS A 215 -1.14 -20.06 -12.00
CA LYS A 215 -1.54 -21.22 -12.79
C LYS A 215 -0.54 -21.42 -13.92
N GLY A 216 -0.18 -22.67 -14.17
CA GLY A 216 0.80 -22.99 -15.18
C GLY A 216 2.20 -23.15 -14.60
N TRP A 217 3.15 -23.38 -15.52
CA TRP A 217 4.54 -23.61 -15.17
C TRP A 217 5.39 -22.38 -15.51
N PRO A 218 6.37 -22.04 -14.66
CA PRO A 218 7.15 -20.82 -14.91
C PRO A 218 7.90 -20.89 -16.23
N ALA A 219 7.94 -19.75 -16.93
CA ALA A 219 8.66 -19.68 -18.20
C ALA A 219 10.16 -19.83 -17.99
N VAL A 220 10.67 -19.43 -16.83
CA VAL A 220 12.10 -19.58 -16.55
C VAL A 220 12.47 -21.02 -16.26
N ALA A 221 11.50 -21.86 -15.92
CA ALA A 221 11.72 -23.29 -15.71
C ALA A 221 11.28 -24.11 -16.91
N GLN A 222 11.33 -23.53 -18.11
CA GLN A 222 10.88 -24.22 -19.31
C GLN A 222 11.73 -25.45 -19.60
N SER A 223 13.03 -25.38 -19.32
CA SER A 223 13.92 -26.50 -19.63
C SER A 223 13.59 -27.73 -18.82
N TRP A 224 13.03 -27.55 -17.62
CA TRP A 224 12.66 -28.70 -16.79
C TRP A 224 11.57 -29.55 -17.46
N LEU A 225 10.84 -28.99 -18.41
CA LEU A 225 9.83 -29.74 -19.15
C LEU A 225 10.41 -30.49 -20.35
N MSE A 226 11.71 -30.39 -20.60
CA MSE A 226 12.29 -30.87 -21.84
C MSE A 226 13.10 -32.16 -21.68
O MSE A 226 13.72 -32.63 -22.62
CB MSE A 226 13.16 -29.79 -22.46
CG MSE A 226 12.46 -28.45 -22.58
SE MSE A 226 10.97 -28.51 -23.83
CE MSE A 226 11.85 -27.67 -25.35
N GLU A 227 13.10 -32.71 -20.47
CA GLU A 227 13.85 -33.93 -20.18
C GLU A 227 12.95 -34.91 -19.41
N ASN A 228 13.18 -36.20 -19.65
CA ASN A 228 12.40 -37.23 -18.98
C ASN A 228 12.92 -37.43 -17.56
N HIS A 229 12.07 -37.12 -16.58
CA HIS A 229 12.44 -37.25 -15.18
C HIS A 229 12.07 -38.63 -14.65
N PHE A 230 12.30 -38.84 -13.35
CA PHE A 230 12.04 -40.14 -12.76
C PHE A 230 10.55 -40.41 -12.61
N TRP A 231 9.74 -39.37 -12.44
CA TRP A 231 8.30 -39.53 -12.30
C TRP A 231 7.60 -39.84 -13.62
N ASP A 232 8.34 -39.86 -14.73
CA ASP A 232 7.74 -40.10 -16.04
C ASP A 232 7.12 -41.48 -16.12
N GLY A 233 5.79 -41.53 -16.23
CA GLY A 233 5.06 -42.77 -16.32
C GLY A 233 4.43 -43.23 -15.01
N LYS A 234 4.91 -42.72 -13.87
CA LYS A 234 4.38 -43.12 -12.58
C LYS A 234 3.26 -42.20 -12.10
N ILE A 235 3.34 -40.90 -12.41
CA ILE A 235 2.27 -39.96 -12.14
C ILE A 235 2.05 -39.11 -13.38
N THR A 236 0.85 -38.57 -13.50
CA THR A 236 0.50 -37.76 -14.67
C THR A 236 1.20 -36.42 -14.61
N GLU A 237 1.65 -35.94 -15.77
CA GLU A 237 2.39 -34.69 -15.83
C GLU A 237 1.51 -33.50 -15.46
N GLU A 238 0.20 -33.61 -15.67
CA GLU A 238 -0.70 -32.48 -15.40
C GLU A 238 -0.70 -32.12 -13.92
N GLU A 239 -0.68 -33.11 -13.03
CA GLU A 239 -0.70 -32.82 -11.61
C GLU A 239 0.57 -32.13 -11.14
N VAL A 240 1.68 -32.27 -11.86
CA VAL A 240 2.97 -31.75 -11.42
C VAL A 240 3.16 -30.31 -11.87
N ILE A 241 2.85 -30.01 -13.14
CA ILE A 241 3.22 -28.74 -13.75
C ILE A 241 2.00 -27.82 -13.89
N SER A 242 0.96 -28.02 -13.06
CA SER A 242 -0.25 -27.23 -13.21
C SER A 242 -0.16 -25.85 -12.56
N GLY A 243 0.79 -25.63 -11.66
CA GLY A 243 0.89 -24.35 -10.99
C GLY A 243 2.17 -24.22 -10.20
N PHE A 244 2.51 -22.97 -9.89
CA PHE A 244 3.66 -22.65 -9.04
C PHE A 244 3.29 -21.46 -8.16
N TYR A 245 4.17 -21.15 -7.22
CA TYR A 245 3.91 -20.13 -6.21
C TYR A 245 5.01 -19.09 -6.18
N LEU A 246 4.69 -17.94 -5.58
CA LEU A 246 5.66 -16.91 -5.25
C LEU A 246 5.70 -16.77 -3.74
N VAL A 247 6.81 -17.17 -3.14
CA VAL A 247 6.96 -17.19 -1.68
C VAL A 247 7.64 -15.91 -1.22
N PRO A 248 7.20 -15.30 -0.12
CA PRO A 248 7.78 -14.01 0.31
C PRO A 248 9.19 -14.13 0.85
N ALA A 249 10.14 -14.42 -0.04
CA ALA A 249 11.55 -14.47 0.31
C ALA A 249 12.35 -13.88 -0.83
N CYS A 250 13.38 -13.12 -0.49
CA CYS A 250 14.24 -12.46 -1.47
C CYS A 250 15.62 -13.09 -1.47
N SER A 251 16.37 -12.80 -2.53
CA SER A 251 17.76 -13.23 -2.61
C SER A 251 18.63 -12.32 -1.74
N TYR A 252 19.92 -12.65 -1.65
CA TYR A 252 20.84 -11.83 -0.88
C TYR A 252 21.08 -10.48 -1.54
N LYS A 253 20.80 -10.35 -2.83
CA LYS A 253 20.95 -9.10 -3.55
C LYS A 253 19.66 -8.31 -3.68
N GLY A 254 18.52 -8.99 -3.79
CA GLY A 254 17.27 -8.33 -4.10
C GLY A 254 16.75 -7.44 -3.00
N LYS A 255 15.71 -6.69 -3.33
CA LYS A 255 15.08 -5.76 -2.41
C LYS A 255 14.05 -6.50 -1.58
N LYS A 256 14.20 -6.45 -0.25
CA LYS A 256 13.34 -7.20 0.65
C LYS A 256 11.88 -6.76 0.53
N ASP A 257 11.64 -5.49 0.20
CA ASP A 257 10.28 -4.97 0.14
C ASP A 257 9.57 -5.28 -1.17
N ASN A 258 10.26 -5.81 -2.18
CA ASN A 258 9.68 -6.00 -3.50
C ASN A 258 9.84 -7.40 -4.07
N GLU A 259 10.73 -8.23 -3.55
CA GLU A 259 11.15 -9.44 -4.24
C GLU A 259 10.51 -10.67 -3.64
N TRP A 260 10.01 -11.55 -4.51
CA TRP A 260 9.46 -12.85 -4.14
C TRP A 260 10.38 -13.95 -4.67
N ARG A 261 10.16 -15.16 -4.18
CA ARG A 261 10.93 -16.34 -4.60
C ARG A 261 9.97 -17.37 -5.16
N LEU A 262 10.32 -17.93 -6.33
CA LEU A 262 9.50 -18.95 -6.94
C LEU A 262 9.57 -20.24 -6.13
N SER A 263 8.40 -20.82 -5.84
CA SER A 263 8.29 -22.02 -5.02
C SER A 263 7.53 -23.09 -5.79
N PHE A 264 8.12 -24.27 -5.87
CA PHE A 264 7.49 -25.44 -6.49
C PHE A 264 6.98 -26.42 -5.43
N ALA A 265 6.43 -25.88 -4.33
CA ALA A 265 6.08 -26.70 -3.19
C ALA A 265 5.07 -27.78 -3.54
N ARG A 266 4.12 -27.47 -4.42
CA ARG A 266 3.10 -28.45 -4.77
C ARG A 266 3.55 -29.40 -5.87
N SER A 267 4.60 -29.05 -6.62
CA SER A 267 5.20 -30.02 -7.52
C SER A 267 5.94 -31.10 -6.76
N GLU A 268 6.54 -30.74 -5.62
CA GLU A 268 7.26 -31.70 -4.80
C GLU A 268 6.33 -32.60 -4.02
N VAL A 269 5.14 -32.11 -3.67
CA VAL A 269 4.14 -32.97 -3.02
C VAL A 269 3.73 -34.09 -3.95
N GLN A 270 3.53 -33.78 -5.23
CA GLN A 270 3.21 -34.83 -6.20
C GLN A 270 4.40 -35.75 -6.45
N LEU A 271 5.62 -35.20 -6.40
CA LEU A 271 6.80 -36.01 -6.65
C LEU A 271 7.12 -36.95 -5.49
N LYS A 272 6.65 -36.64 -4.28
CA LYS A 272 6.87 -37.52 -3.14
C LYS A 272 6.22 -38.89 -3.33
N LYS A 273 5.18 -38.97 -4.16
CA LYS A 273 4.55 -40.27 -4.42
C LYS A 273 5.50 -41.19 -5.17
N CYS A 274 6.46 -40.65 -5.91
CA CYS A 274 7.36 -41.45 -6.73
C CYS A 274 8.71 -41.71 -6.07
N ILE A 275 9.10 -40.91 -5.08
CA ILE A 275 10.39 -41.12 -4.42
C ILE A 275 10.33 -42.38 -3.59
N SER A 276 11.37 -43.21 -3.72
CA SER A 276 11.41 -44.47 -2.98
C SER A 276 11.51 -44.21 -1.48
N SER A 277 10.96 -45.16 -0.71
CA SER A 277 10.97 -45.02 0.75
C SER A 277 12.38 -45.11 1.31
N SER A 278 13.25 -45.90 0.68
CA SER A 278 14.61 -46.06 1.18
C SER A 278 15.40 -44.76 1.06
N LEU A 279 15.31 -44.10 -0.10
CA LEU A 279 15.98 -42.81 -0.27
C LEU A 279 15.37 -41.75 0.63
N MSE A 280 14.06 -41.81 0.87
CA MSE A 280 13.39 -40.86 1.74
C MSE A 280 13.83 -41.05 3.20
O MSE A 280 14.01 -40.08 3.92
CB MSE A 280 11.87 -41.02 1.63
CG MSE A 280 11.07 -39.97 2.40
SE MSE A 280 11.25 -38.19 1.64
CE MSE A 280 10.45 -38.51 -0.10
N GLN A 281 14.00 -42.31 3.60
CA GLN A 281 14.44 -42.59 4.96
C GLN A 281 15.86 -42.10 5.20
N ALA A 282 16.74 -42.26 4.21
CA ALA A 282 18.09 -41.73 4.34
C ALA A 282 18.09 -40.21 4.34
N TYR A 283 17.15 -39.59 3.62
CA TYR A 283 17.06 -38.12 3.63
C TYR A 283 16.68 -37.61 5.01
N GLN A 284 15.69 -38.25 5.64
CA GLN A 284 15.30 -37.85 6.99
C GLN A 284 16.43 -38.07 7.99
N ALA A 285 17.22 -39.13 7.80
CA ALA A 285 18.35 -39.36 8.68
C ALA A 285 19.47 -38.35 8.44
N CYS A 286 19.75 -38.05 7.16
CA CYS A 286 20.77 -37.05 6.84
C CYS A 286 20.34 -35.67 7.33
N LYS A 287 19.05 -35.37 7.27
CA LYS A 287 18.56 -34.08 7.73
C LYS A 287 18.74 -33.92 9.23
N ALA A 288 18.44 -34.96 9.99
CA ALA A 288 18.58 -34.90 11.45
C ALA A 288 20.04 -34.82 11.89
N ILE A 289 20.98 -35.08 11.00
CA ILE A 289 22.40 -35.06 11.36
C ILE A 289 23.02 -33.70 11.06
N ILE A 290 22.76 -33.15 9.88
CA ILE A 290 23.53 -32.00 9.41
C ILE A 290 22.94 -30.67 9.89
N ILE A 291 21.61 -30.54 9.92
CA ILE A 291 21.00 -29.25 10.26
C ILE A 291 21.30 -28.82 11.69
N LYS A 292 21.80 -29.73 12.52
CA LYS A 292 22.17 -29.35 13.89
C LYS A 292 23.45 -28.54 13.91
N LEU A 293 24.53 -29.11 13.37
CA LEU A 293 25.85 -28.49 13.43
C LEU A 293 26.17 -27.65 12.19
N LEU A 294 25.27 -27.59 11.20
CA LEU A 294 25.47 -26.82 9.99
C LEU A 294 24.49 -25.65 9.90
N SER A 295 24.11 -25.08 11.04
CA SER A 295 23.08 -24.05 11.07
C SER A 295 23.60 -22.65 11.36
N ARG A 296 24.80 -22.51 11.90
CA ARG A 296 25.31 -21.20 12.24
C ARG A 296 26.65 -20.94 11.57
N PRO A 297 26.90 -19.71 11.09
CA PRO A 297 25.94 -18.60 11.13
C PRO A 297 24.92 -18.65 9.99
N LYS A 298 25.38 -18.95 8.77
CA LYS A 298 24.51 -19.09 7.62
C LYS A 298 24.15 -20.56 7.47
N ALA A 299 22.91 -20.90 7.79
CA ALA A 299 22.49 -22.29 7.78
C ALA A 299 22.36 -22.82 6.36
N ILE A 300 22.68 -24.10 6.19
CA ILE A 300 22.37 -24.82 4.97
C ILE A 300 20.98 -25.43 5.17
N SER A 301 20.02 -24.95 4.40
CA SER A 301 18.63 -25.28 4.66
C SER A 301 18.34 -26.75 4.35
N PRO A 302 17.36 -27.34 5.03
CA PRO A 302 16.91 -28.68 4.63
C PRO A 302 16.40 -28.75 3.21
N TYR A 303 15.91 -27.63 2.68
CA TYR A 303 15.48 -27.60 1.28
C TYR A 303 16.67 -27.80 0.34
N HIS A 304 17.85 -27.30 0.72
CA HIS A 304 19.05 -27.61 -0.02
C HIS A 304 19.30 -29.11 -0.06
N LEU A 305 19.04 -29.79 1.05
CA LEU A 305 19.17 -31.25 1.11
C LEU A 305 18.03 -31.94 0.37
N ARG A 306 16.83 -31.34 0.37
CA ARG A 306 15.73 -31.92 -0.40
C ARG A 306 16.00 -31.83 -1.89
N SER A 307 16.62 -30.75 -2.34
CA SER A 307 16.93 -30.61 -3.77
C SER A 307 17.93 -31.66 -4.22
N MSE A 308 18.94 -31.93 -3.41
CA MSE A 308 19.95 -32.92 -3.75
C MSE A 308 19.35 -34.32 -3.76
O MSE A 308 19.70 -35.16 -4.57
CB MSE A 308 21.12 -32.87 -2.77
CG MSE A 308 21.86 -31.55 -2.80
SE MSE A 308 23.43 -31.56 -1.66
CE MSE A 308 22.56 -31.47 0.07
N MSE A 309 18.42 -34.55 -2.83
CA MSE A 309 17.70 -35.82 -2.78
C MSE A 309 16.81 -35.96 -4.03
O MSE A 309 16.64 -37.05 -4.55
CB MSE A 309 16.85 -35.90 -1.50
CG MSE A 309 16.25 -37.27 -1.24
SE MSE A 309 14.37 -37.34 -1.71
CE MSE A 309 13.70 -36.00 -0.46
N LEU A 310 16.27 -34.83 -4.50
CA LEU A 310 15.53 -34.83 -5.74
C LEU A 310 16.45 -35.00 -6.94
N TRP A 311 17.60 -34.33 -6.93
CA TRP A 311 18.60 -34.52 -7.98
C TRP A 311 19.03 -35.98 -8.07
N ALA A 312 19.14 -36.65 -6.93
CA ALA A 312 19.53 -38.06 -6.92
C ALA A 312 18.46 -38.96 -7.50
N CYS A 313 17.24 -38.47 -7.70
CA CYS A 313 16.19 -39.30 -8.30
C CYS A 313 16.31 -39.39 -9.81
N ASP A 314 16.92 -38.39 -10.46
CA ASP A 314 17.07 -38.36 -11.91
C ASP A 314 18.41 -38.92 -12.37
N ARG A 315 19.51 -38.42 -11.81
CA ARG A 315 20.85 -38.93 -12.13
C ARG A 315 21.05 -40.39 -11.77
N LEU A 316 20.04 -41.06 -11.22
CA LEU A 316 20.21 -42.41 -10.70
C LEU A 316 19.04 -43.29 -11.10
N PRO A 317 19.28 -44.39 -11.83
CA PRO A 317 18.18 -45.24 -12.27
C PRO A 317 17.40 -45.84 -11.11
N ALA A 318 16.20 -46.35 -11.44
CA ALA A 318 15.29 -46.83 -10.41
C ALA A 318 15.77 -48.10 -9.74
N ASN A 319 16.65 -48.87 -10.40
CA ASN A 319 17.11 -50.13 -9.83
C ASN A 319 17.79 -49.92 -8.49
N TYR A 320 18.87 -49.14 -8.47
CA TYR A 320 19.63 -48.93 -7.24
C TYR A 320 18.82 -48.18 -6.20
N LEU A 321 17.86 -47.36 -6.64
CA LEU A 321 17.00 -46.66 -5.69
C LEU A 321 15.90 -47.54 -5.13
N ALA A 322 15.59 -48.66 -5.78
CA ALA A 322 14.45 -49.48 -5.38
C ALA A 322 14.78 -50.36 -4.18
N GLN A 323 15.95 -51.01 -4.20
CA GLN A 323 16.28 -51.99 -3.16
C GLN A 323 16.43 -51.31 -1.81
N GLU A 324 15.79 -51.87 -0.78
CA GLU A 324 15.78 -51.25 0.53
C GLU A 324 17.08 -51.43 1.29
N ASP A 325 17.85 -52.48 0.97
CA ASP A 325 19.10 -52.74 1.68
C ASP A 325 20.17 -51.70 1.40
N TYR A 326 19.97 -50.84 0.40
CA TYR A 326 20.96 -49.81 0.05
C TYR A 326 20.71 -48.49 0.75
N ALA A 327 20.08 -48.51 1.94
CA ALA A 327 19.76 -47.27 2.63
C ALA A 327 21.03 -46.57 3.13
N ALA A 328 22.01 -47.35 3.59
CA ALA A 328 23.27 -46.75 4.04
C ALA A 328 23.99 -46.07 2.88
N HIS A 329 23.95 -46.68 1.70
CA HIS A 329 24.59 -46.09 0.53
C HIS A 329 23.89 -44.80 0.11
N PHE A 330 22.58 -44.69 0.35
CA PHE A 330 21.87 -43.44 0.05
C PHE A 330 22.29 -42.34 1.01
N LEU A 331 22.38 -42.68 2.31
CA LEU A 331 22.79 -41.69 3.30
C LEU A 331 24.20 -41.17 3.02
N LEU A 332 25.12 -42.06 2.65
CA LEU A 332 26.48 -41.63 2.34
C LEU A 332 26.52 -40.82 1.05
N GLY A 333 25.68 -41.16 0.08
CA GLY A 333 25.64 -40.40 -1.16
C GLY A 333 25.15 -38.97 -0.95
N LEU A 334 24.17 -38.79 -0.06
CA LEU A 334 23.71 -37.45 0.26
C LEU A 334 24.78 -36.67 1.02
N ILE A 335 25.59 -37.34 1.83
CA ILE A 335 26.69 -36.68 2.52
C ILE A 335 27.77 -36.26 1.53
N ASP A 336 28.09 -37.14 0.57
CA ASP A 336 29.07 -36.78 -0.46
C ASP A 336 28.56 -35.63 -1.32
N ASP A 337 27.26 -35.61 -1.60
CA ASP A 337 26.69 -34.48 -2.36
C ASP A 337 26.73 -33.20 -1.53
N LEU A 338 26.41 -33.28 -0.25
CA LEU A 338 26.51 -32.13 0.64
C LEU A 338 27.95 -31.66 0.80
N GLN A 339 28.93 -32.53 0.52
CA GLN A 339 30.32 -32.11 0.51
C GLN A 339 30.69 -31.40 -0.79
N HIS A 340 30.29 -31.98 -1.93
CA HIS A 340 30.62 -31.39 -3.22
C HIS A 340 29.99 -30.01 -3.39
N CYS A 341 28.73 -29.86 -2.96
CA CYS A 341 28.06 -28.57 -3.10
C CYS A 341 28.72 -27.51 -2.22
N LEU A 342 29.20 -27.89 -1.04
CA LEU A 342 29.86 -26.92 -0.17
C LEU A 342 31.25 -26.56 -0.70
N VAL A 343 31.98 -27.54 -1.24
CA VAL A 343 33.33 -27.30 -1.72
C VAL A 343 33.33 -26.27 -2.85
N ASN A 344 32.41 -26.42 -3.80
CA ASN A 344 32.30 -25.51 -4.92
C ASN A 344 31.34 -24.36 -4.68
N LYS A 345 30.72 -24.32 -3.50
CA LYS A 345 29.69 -23.32 -3.17
C LYS A 345 28.62 -23.28 -4.26
N MSE A 346 28.17 -24.46 -4.66
CA MSE A 346 27.23 -24.60 -5.76
C MSE A 346 26.19 -25.68 -5.49
O MSE A 346 26.51 -26.87 -5.41
CB MSE A 346 27.99 -24.93 -7.06
CG MSE A 346 27.09 -25.33 -8.21
SE MSE A 346 25.90 -23.90 -8.78
CE MSE A 346 27.23 -22.70 -9.56
N CYS A 347 24.93 -25.26 -5.34
CA CYS A 347 23.80 -26.18 -5.14
C CYS A 347 22.69 -25.76 -6.10
N PRO A 348 22.56 -26.42 -7.25
CA PRO A 348 21.57 -25.98 -8.24
C PRO A 348 20.15 -26.32 -7.81
N ASN A 349 19.24 -25.40 -8.10
CA ASN A 349 17.82 -25.64 -7.87
C ASN A 349 17.34 -26.77 -8.77
N TYR A 350 16.53 -27.67 -8.21
CA TYR A 350 16.11 -28.85 -8.96
C TYR A 350 15.26 -28.49 -10.17
N PHE A 351 14.45 -27.44 -10.07
CA PHE A 351 13.59 -27.02 -11.17
C PHE A 351 14.20 -25.93 -12.03
N ILE A 352 15.03 -25.07 -11.45
CA ILE A 352 15.76 -24.06 -12.20
C ILE A 352 17.25 -24.32 -12.01
N PRO A 353 17.85 -25.22 -12.81
CA PRO A 353 19.22 -25.67 -12.51
C PRO A 353 20.26 -24.56 -12.56
N GLN A 354 20.02 -23.47 -13.27
CA GLN A 354 20.99 -22.39 -13.35
C GLN A 354 20.95 -21.46 -12.14
N CYS A 355 20.14 -21.77 -11.13
CA CYS A 355 20.06 -20.97 -9.91
C CYS A 355 20.91 -21.62 -8.83
N ASN A 356 21.92 -20.90 -8.35
CA ASN A 356 22.78 -21.38 -7.28
C ASN A 356 22.19 -20.96 -5.94
N MSE A 357 21.77 -21.92 -5.14
CA MSE A 357 21.11 -21.65 -3.87
C MSE A 357 22.10 -21.43 -2.73
O MSE A 357 21.69 -21.24 -1.58
CB MSE A 357 20.15 -22.79 -3.52
CG MSE A 357 19.00 -22.94 -4.49
SE MSE A 357 17.79 -24.41 -4.04
CE MSE A 357 19.02 -25.89 -4.29
N LEU A 358 23.40 -21.44 -3.05
CA LEU A 358 24.44 -21.20 -2.07
C LEU A 358 25.24 -19.94 -2.37
N GLU A 359 24.78 -19.10 -3.30
CA GLU A 359 25.52 -17.89 -3.65
C GLU A 359 25.50 -16.86 -2.53
N HIS A 360 24.60 -17.00 -1.56
CA HIS A 360 24.54 -16.08 -0.43
C HIS A 360 25.50 -16.44 0.69
N LEU A 361 26.21 -17.56 0.57
CA LEU A 361 27.15 -17.99 1.61
C LEU A 361 28.54 -17.43 1.33
N SER A 362 29.19 -16.95 2.39
CA SER A 362 30.55 -16.46 2.26
C SER A 362 31.52 -17.64 2.14
N GLU A 363 32.73 -17.33 1.64
CA GLU A 363 33.74 -18.38 1.48
C GLU A 363 34.16 -18.95 2.83
N GLU A 364 34.14 -18.12 3.88
CA GLU A 364 34.56 -18.58 5.21
C GLU A 364 33.54 -19.57 5.78
N THR A 365 32.27 -19.20 5.79
CA THR A 365 31.25 -20.04 6.40
C THR A 365 31.09 -21.37 5.67
N VAL A 366 31.28 -21.38 4.36
CA VAL A 366 31.09 -22.61 3.60
C VAL A 366 32.25 -23.57 3.82
N MSE A 367 33.43 -23.06 4.16
CA MSE A 367 34.57 -23.91 4.46
C MSE A 367 34.45 -24.50 5.86
O MSE A 367 34.84 -25.64 6.09
CB MSE A 367 35.89 -23.14 4.33
CG MSE A 367 36.30 -22.81 2.92
SE MSE A 367 38.04 -21.94 2.81
CE MSE A 367 38.19 -21.79 0.88
N LEU A 368 33.89 -23.71 6.78
CA LEU A 368 33.69 -24.19 8.14
C LEU A 368 32.72 -25.37 8.16
N HIS A 369 31.64 -25.28 7.38
CA HIS A 369 30.69 -26.39 7.30
C HIS A 369 31.31 -27.60 6.63
N ALA A 370 32.24 -27.38 5.69
CA ALA A 370 32.89 -28.51 5.02
C ALA A 370 33.82 -29.25 5.98
N ARG A 371 34.48 -28.53 6.89
CA ARG A 371 35.32 -29.20 7.88
C ARG A 371 34.47 -29.88 8.94
N LYS A 372 33.32 -29.28 9.30
CA LYS A 372 32.40 -29.94 10.21
C LYS A 372 31.79 -31.19 9.57
N LEU A 373 31.63 -31.19 8.24
CA LEU A 373 31.05 -32.34 7.56
C LEU A 373 32.05 -33.50 7.48
N SER A 374 33.34 -33.20 7.43
CA SER A 374 34.35 -34.26 7.36
C SER A 374 34.30 -35.13 8.62
N SER A 375 34.05 -34.52 9.78
CA SER A 375 33.88 -35.29 11.00
C SER A 375 32.62 -36.16 10.94
N VAL A 376 31.58 -35.68 10.26
CA VAL A 376 30.37 -36.47 10.09
C VAL A 376 30.60 -37.61 9.11
N ARG A 377 31.30 -37.32 8.01
CA ARG A 377 31.57 -38.35 7.01
C ARG A 377 32.45 -39.47 7.56
N SER A 378 33.37 -39.14 8.48
CA SER A 378 34.29 -40.15 8.99
C SER A 378 33.59 -41.12 9.95
N ASP A 379 32.53 -40.67 10.62
CA ASP A 379 31.78 -41.51 11.56
C ASP A 379 30.30 -41.18 11.43
N PRO A 380 29.64 -41.66 10.36
CA PRO A 380 28.23 -41.32 10.17
C PRO A 380 27.31 -42.04 11.13
N ALA A 381 27.68 -43.23 11.60
CA ALA A 381 26.81 -43.99 12.49
C ALA A 381 26.70 -43.33 13.87
N GLU A 382 27.76 -42.66 14.32
CA GLU A 382 27.73 -42.03 15.63
C GLU A 382 26.87 -40.78 15.63
N HIS A 383 26.97 -39.95 14.59
CA HIS A 383 26.10 -38.78 14.49
C HIS A 383 24.64 -39.18 14.32
N LEU A 384 24.39 -40.32 13.67
CA LEU A 384 23.02 -40.81 13.55
C LEU A 384 22.52 -41.38 14.87
N ARG A 385 23.41 -42.02 15.64
CA ARG A 385 23.02 -42.53 16.95
C ARG A 385 22.62 -41.38 17.88
N THR A 386 23.31 -40.24 17.76
CA THR A 386 22.94 -39.08 18.56
C THR A 386 21.62 -38.49 18.09
N ALA A 387 21.38 -38.49 16.78
CA ALA A 387 20.12 -37.97 16.25
C ALA A 387 18.94 -38.81 16.68
N ILE A 388 19.13 -40.13 16.84
CA ILE A 388 18.05 -40.98 17.34
C ILE A 388 17.69 -40.60 18.77
N GLU A 389 18.69 -40.25 19.58
CA GLU A 389 18.41 -39.86 20.96
C GLU A 389 17.67 -38.52 21.02
N HIS A 390 17.94 -37.61 20.08
CA HIS A 390 17.21 -36.35 20.06
C HIS A 390 15.76 -36.55 19.67
N VAL A 391 15.47 -37.54 18.82
CA VAL A 391 14.10 -37.83 18.44
C VAL A 391 13.38 -38.58 19.56
N LYS A 392 14.05 -39.52 20.22
CA LYS A 392 13.45 -40.21 21.34
C LYS A 392 13.16 -39.27 22.49
N ALA A 393 14.04 -38.29 22.73
CA ALA A 393 13.79 -37.31 23.78
C ALA A 393 12.59 -36.43 23.44
N ALA A 394 12.45 -36.04 22.17
CA ALA A 394 11.30 -35.23 21.77
C ALA A 394 10.02 -36.05 21.79
N ASN A 395 10.10 -37.35 21.49
CA ASN A 395 8.91 -38.20 21.53
C ASN A 395 8.42 -38.40 22.96
N ARG A 396 9.33 -38.41 23.93
CA ARG A 396 8.92 -38.53 25.33
C ARG A 396 8.46 -37.20 25.91
N LEU A 397 8.99 -36.09 25.40
CA LEU A 397 8.49 -34.79 25.84
C LEU A 397 7.04 -34.58 25.40
N THR A 398 6.73 -34.93 24.15
CA THR A 398 5.35 -34.84 23.68
C THR A 398 4.45 -35.82 24.42
N LEU A 399 4.94 -37.05 24.64
CA LEU A 399 4.13 -38.06 25.32
C LEU A 399 3.87 -37.68 26.77
N GLU A 400 4.85 -37.06 27.44
CA GLU A 400 4.66 -36.66 28.82
C GLU A 400 3.55 -35.63 28.96
N LEU A 401 3.39 -34.77 27.96
CA LEU A 401 2.30 -33.79 27.99
C LEU A 401 0.97 -34.43 27.60
N GLN A 402 0.98 -35.39 26.67
CA GLN A 402 -0.25 -36.06 26.29
C GLN A 402 -0.74 -36.99 27.40
N ARG A 403 0.19 -37.64 28.10
CA ARG A 403 -0.18 -38.51 29.23
C ARG A 403 -0.67 -37.68 30.41
N SER B 1 22.46 47.33 -9.81
CA SER B 1 21.98 45.97 -9.64
C SER B 1 21.51 45.73 -8.21
N SER B 2 22.05 46.51 -7.27
CA SER B 2 21.64 46.40 -5.88
C SER B 2 20.18 46.78 -5.72
N GLY B 3 19.84 48.04 -6.02
CA GLY B 3 18.46 48.48 -5.98
C GLY B 3 17.85 48.54 -7.37
N ALA B 4 18.70 48.40 -8.40
CA ALA B 4 18.21 48.44 -9.77
C ALA B 4 17.39 47.20 -10.08
N ARG B 5 17.81 46.03 -9.58
CA ARG B 5 17.02 44.82 -9.78
C ARG B 5 15.74 44.83 -8.97
N VAL B 6 15.77 45.43 -7.77
CA VAL B 6 14.60 45.41 -6.90
C VAL B 6 13.53 46.36 -7.44
N GLU B 7 13.93 47.55 -7.90
CA GLU B 7 12.95 48.51 -8.41
C GLU B 7 12.29 47.99 -9.68
N GLU B 8 13.07 47.39 -10.59
CA GLU B 8 12.49 46.81 -11.79
C GLU B 8 11.50 45.70 -11.45
N LEU B 9 11.79 44.92 -10.40
CA LEU B 9 10.88 43.87 -9.98
C LEU B 9 9.61 44.45 -9.40
N ASN B 10 9.72 45.53 -8.60
CA ASN B 10 8.53 46.18 -8.07
C ASN B 10 7.69 46.78 -9.18
N LYS B 11 8.33 47.34 -10.21
CA LYS B 11 7.58 47.92 -11.32
C LYS B 11 6.83 46.85 -12.09
N LEU B 12 7.36 45.63 -12.15
CA LEU B 12 6.68 44.54 -12.83
C LEU B 12 5.57 43.93 -11.98
N ILE B 13 5.71 43.97 -10.65
CA ILE B 13 4.64 43.51 -9.78
C ILE B 13 3.44 44.44 -9.87
N GLN B 14 3.69 45.75 -9.92
CA GLN B 14 2.59 46.70 -10.04
C GLN B 14 1.89 46.59 -11.38
N GLU B 15 2.66 46.38 -12.45
CA GLU B 15 2.04 46.19 -13.76
C GLU B 15 1.24 44.89 -13.81
N PHE B 16 1.75 43.84 -13.17
CA PHE B 16 1.00 42.59 -13.09
C PHE B 16 -0.29 42.78 -12.30
N THR B 17 -0.20 43.44 -11.15
CA THR B 17 -1.40 43.71 -10.35
C THR B 17 -2.39 44.59 -11.11
N LYS B 18 -1.89 45.48 -11.97
CA LYS B 18 -2.78 46.34 -12.74
C LYS B 18 -3.68 45.53 -13.66
N HIS B 19 -3.15 44.48 -14.27
CA HIS B 19 -3.89 43.66 -15.22
C HIS B 19 -4.46 42.39 -14.59
N ASP B 20 -4.10 42.07 -13.35
CA ASP B 20 -4.59 40.87 -12.68
C ASP B 20 -5.77 41.16 -11.76
N GLN B 21 -5.87 42.37 -11.21
CA GLN B 21 -6.97 42.69 -10.31
C GLN B 21 -8.29 42.64 -11.06
N ARG B 22 -9.34 42.20 -10.36
CA ARG B 22 -10.65 42.00 -10.95
C ARG B 22 -11.56 43.16 -10.57
N GLU B 23 -11.72 44.11 -11.50
CA GLU B 23 -12.64 45.22 -11.35
C GLU B 23 -13.71 45.10 -12.43
N TYR B 24 -14.96 44.89 -12.00
CA TYR B 24 -16.08 44.70 -12.90
C TYR B 24 -16.97 45.93 -12.89
N ASP B 25 -17.47 46.31 -14.07
CA ASP B 25 -18.40 47.43 -14.17
C ASP B 25 -19.79 46.96 -13.73
N ASP B 26 -20.80 47.81 -13.92
CA ASP B 26 -22.15 47.46 -13.51
C ASP B 26 -22.73 46.32 -14.33
N GLN B 27 -22.28 46.17 -15.58
CA GLN B 27 -22.82 45.12 -16.44
C GLN B 27 -22.37 43.74 -15.99
N ARG B 28 -21.06 43.54 -15.88
CA ARG B 28 -20.55 42.21 -15.52
C ARG B 28 -20.87 41.86 -14.07
N ALA B 29 -21.01 42.86 -13.20
CA ALA B 29 -21.44 42.59 -11.84
C ALA B 29 -22.84 41.99 -11.81
N LEU B 30 -23.72 42.45 -12.71
CA LEU B 30 -25.04 41.85 -12.84
C LEU B 30 -24.94 40.43 -13.39
N GLU B 31 -24.07 40.21 -14.38
CA GLU B 31 -23.94 38.88 -14.96
C GLU B 31 -23.41 37.87 -13.94
N ILE B 32 -22.48 38.31 -13.08
CA ILE B 32 -21.96 37.43 -12.05
C ILE B 32 -23.04 37.10 -11.02
N HIS B 33 -23.80 38.11 -10.60
CA HIS B 33 -24.84 37.89 -9.60
C HIS B 33 -25.96 37.01 -10.16
N THR B 34 -26.29 37.18 -11.44
CA THR B 34 -27.36 36.37 -12.03
C THR B 34 -26.96 34.90 -12.07
N ALA B 35 -25.72 34.61 -12.44
CA ALA B 35 -25.26 33.22 -12.43
C ALA B 35 -25.12 32.70 -11.00
N LYS B 36 -24.58 33.53 -10.10
CA LYS B 36 -24.47 33.14 -8.70
C LYS B 36 -25.83 32.86 -8.09
N ASP B 37 -26.83 33.71 -8.38
CA ASP B 37 -28.17 33.47 -7.86
C ASP B 37 -28.79 32.22 -8.46
N PHE B 38 -28.50 31.93 -9.72
CA PHE B 38 -29.04 30.73 -10.34
C PHE B 38 -28.43 29.46 -9.76
N ILE B 39 -27.16 29.51 -9.36
CA ILE B 39 -26.53 28.35 -8.72
C ILE B 39 -27.17 28.09 -7.36
N PHE B 40 -27.38 29.15 -6.57
CA PHE B 40 -27.99 28.97 -5.26
C PHE B 40 -29.41 28.40 -5.37
N SER B 41 -30.16 28.84 -6.38
CA SER B 41 -31.49 28.30 -6.59
C SER B 41 -31.42 26.84 -7.04
N MSE B 42 -30.45 26.49 -7.86
CA MSE B 42 -30.24 25.11 -8.28
C MSE B 42 -29.97 24.23 -7.08
O MSE B 42 -30.54 23.13 -6.96
CB MSE B 42 -29.06 25.03 -9.27
CG MSE B 42 -28.72 23.62 -9.71
SE MSE B 42 -26.96 23.52 -10.53
CE MSE B 42 -25.92 24.23 -9.05
N LEU B 43 -29.12 24.71 -6.16
CA LEU B 43 -28.85 23.97 -4.93
C LEU B 43 -30.10 23.88 -4.06
N GLY B 44 -30.97 24.89 -4.10
CA GLY B 44 -32.20 24.82 -3.34
C GLY B 44 -33.13 23.73 -3.84
N MSE B 45 -33.17 23.53 -5.15
CA MSE B 45 -33.99 22.49 -5.75
C MSE B 45 -33.40 21.11 -5.51
O MSE B 45 -34.13 20.12 -5.44
CB MSE B 45 -34.17 22.74 -7.26
CG MSE B 45 -34.81 24.07 -7.58
SE MSE B 45 -35.36 24.20 -9.45
CE MSE B 45 -36.69 22.77 -9.47
N VAL B 46 -32.07 21.05 -5.39
CA VAL B 46 -31.43 19.79 -5.01
C VAL B 46 -31.85 19.38 -3.60
N GLN B 47 -32.04 20.37 -2.72
CA GLN B 47 -32.54 20.08 -1.38
C GLN B 47 -33.98 19.60 -1.42
N LYS B 48 -34.79 20.13 -2.35
CA LYS B 48 -36.18 19.69 -2.50
C LYS B 48 -36.28 18.31 -3.11
N LEU B 49 -35.21 17.78 -3.70
CA LEU B 49 -35.31 16.55 -4.47
C LEU B 49 -35.38 15.32 -3.59
N ASP B 50 -34.54 15.25 -2.54
CA ASP B 50 -34.55 14.11 -1.65
C ASP B 50 -34.42 14.49 -0.17
N GLN B 51 -34.40 15.78 0.16
CA GLN B 51 -34.29 16.26 1.54
C GLN B 51 -33.05 15.73 2.25
N LYS B 52 -32.00 15.41 1.49
CA LYS B 52 -30.74 15.00 2.11
C LYS B 52 -29.91 16.19 2.55
N LEU B 53 -29.87 17.24 1.73
CA LEU B 53 -29.16 18.44 2.11
C LEU B 53 -29.87 19.14 3.28
N PRO B 54 -29.13 19.85 4.12
CA PRO B 54 -29.77 20.56 5.23
C PRO B 54 -30.76 21.61 4.74
N VAL B 55 -31.84 21.77 5.49
CA VAL B 55 -32.85 22.77 5.11
C VAL B 55 -32.24 24.17 5.13
N ALA B 56 -31.58 24.52 6.23
CA ALA B 56 -30.82 25.76 6.33
C ALA B 56 -29.33 25.45 6.20
N ASN B 57 -28.64 26.21 5.36
CA ASN B 57 -27.23 25.96 5.11
C ASN B 57 -26.52 27.27 4.85
N GLU B 58 -25.19 27.23 4.98
CA GLU B 58 -24.33 28.39 4.71
C GLU B 58 -23.26 27.97 3.72
N TYR B 59 -23.27 28.59 2.55
CA TYR B 59 -22.27 28.32 1.52
C TYR B 59 -21.04 29.19 1.75
N LEU B 60 -19.92 28.75 1.16
CA LEU B 60 -18.67 29.52 1.18
C LEU B 60 -18.26 29.74 -0.28
N LEU B 61 -18.48 30.95 -0.78
CA LEU B 61 -18.15 31.30 -2.15
C LEU B 61 -16.78 31.94 -2.19
N LEU B 62 -15.84 31.30 -2.89
CA LEU B 62 -14.48 31.78 -3.01
C LEU B 62 -14.21 32.23 -4.44
N SER B 63 -13.40 33.28 -4.58
CA SER B 63 -12.97 33.73 -5.89
C SER B 63 -11.87 32.81 -6.42
N GLY B 64 -12.03 32.35 -7.65
CA GLY B 64 -11.09 31.41 -8.24
C GLY B 64 -11.53 29.97 -8.08
N GLY B 65 -11.36 29.18 -9.14
CA GLY B 65 -11.74 27.78 -9.10
C GLY B 65 -10.82 26.96 -8.21
N VAL B 66 -11.17 25.68 -8.08
CA VAL B 66 -10.38 24.77 -7.26
C VAL B 66 -8.99 24.59 -7.86
N ARG B 67 -8.86 24.73 -9.18
CA ARG B 67 -7.58 24.60 -9.85
C ARG B 67 -6.66 25.78 -9.57
N GLU B 68 -7.14 26.83 -8.92
CA GLU B 68 -6.32 27.96 -8.51
C GLU B 68 -5.80 27.80 -7.09
N GLY B 69 -6.01 26.64 -6.48
CA GLY B 69 -5.45 26.37 -5.16
C GLY B 69 -6.07 27.13 -4.02
N VAL B 70 -7.31 27.61 -4.18
CA VAL B 70 -7.97 28.32 -3.09
C VAL B 70 -8.45 27.37 -2.00
N VAL B 71 -8.61 26.08 -2.30
CA VAL B 71 -9.02 25.08 -1.34
C VAL B 71 -7.98 23.98 -1.30
N ASP B 72 -7.72 23.44 -0.11
CA ASP B 72 -6.75 22.37 0.06
C ASP B 72 -7.30 21.06 -0.51
N LEU B 73 -7.12 20.86 -1.80
CA LEU B 73 -7.61 19.67 -2.50
C LEU B 73 -6.46 19.04 -3.27
N ASP B 74 -6.74 17.88 -3.87
CA ASP B 74 -5.76 17.17 -4.70
C ASP B 74 -6.03 17.56 -6.15
N LEU B 75 -5.21 18.47 -6.66
CA LEU B 75 -5.40 19.03 -8.00
C LEU B 75 -4.72 18.22 -9.10
N ASP B 76 -3.93 17.21 -8.75
CA ASP B 76 -3.20 16.45 -9.75
C ASP B 76 -4.12 15.62 -10.64
N GLU B 77 -5.33 15.33 -10.19
CA GLU B 77 -6.27 14.50 -10.94
C GLU B 77 -7.41 15.29 -11.57
N LEU B 78 -7.29 16.62 -11.63
CA LEU B 78 -8.34 17.46 -12.18
C LEU B 78 -8.05 17.82 -13.63
N ASN B 79 -9.07 18.37 -14.29
CA ASN B 79 -8.95 18.82 -15.66
C ASN B 79 -8.21 20.17 -15.69
N VAL B 80 -8.19 20.82 -16.85
CA VAL B 80 -7.55 22.12 -17.03
C VAL B 80 -8.49 23.02 -17.81
N TYR B 81 -8.84 24.16 -17.21
CA TYR B 81 -9.64 25.18 -17.87
C TYR B 81 -8.85 26.47 -17.94
N ALA B 82 -8.72 27.04 -19.13
CA ALA B 82 -7.96 28.26 -19.35
C ALA B 82 -8.91 29.46 -19.35
N ARG B 83 -8.59 30.44 -18.51
CA ARG B 83 -9.39 31.66 -18.45
C ARG B 83 -9.23 32.44 -19.76
N GLY B 84 -10.34 32.71 -20.43
CA GLY B 84 -10.36 33.33 -21.73
C GLY B 84 -10.73 32.38 -22.85
N THR B 85 -10.47 31.09 -22.67
CA THR B 85 -10.83 30.07 -23.65
C THR B 85 -12.08 29.31 -23.25
N ASP B 86 -12.13 28.77 -22.04
CA ASP B 86 -13.28 28.01 -21.55
C ASP B 86 -14.20 28.83 -20.66
N TYR B 87 -13.66 29.72 -19.85
CA TYR B 87 -14.46 30.55 -18.95
C TYR B 87 -13.89 31.96 -18.93
N ASP B 88 -14.64 32.87 -18.31
CA ASP B 88 -14.21 34.24 -18.12
C ASP B 88 -14.04 34.62 -16.65
N MSE B 89 -14.81 34.03 -15.75
CA MSE B 89 -14.62 34.19 -14.31
C MSE B 89 -14.93 32.88 -13.60
O MSE B 89 -15.91 32.20 -13.92
CB MSE B 89 -15.52 35.31 -13.77
CG MSE B 89 -15.00 36.71 -14.06
SE MSE B 89 -16.40 37.88 -14.72
CE MSE B 89 -17.05 36.75 -16.17
N ASP B 90 -14.09 32.52 -12.63
CA ASP B 90 -14.19 31.25 -11.94
C ASP B 90 -14.47 31.46 -10.46
N PHE B 91 -15.15 30.49 -9.85
CA PHE B 91 -15.48 30.55 -8.44
C PHE B 91 -15.44 29.14 -7.86
N THR B 92 -15.30 29.07 -6.54
CA THR B 92 -15.37 27.82 -5.79
C THR B 92 -16.46 27.94 -4.75
N LEU B 93 -17.33 26.93 -4.68
CA LEU B 93 -18.50 26.95 -3.81
C LEU B 93 -18.50 25.71 -2.95
N LEU B 94 -18.27 25.89 -1.64
CA LEU B 94 -18.27 24.80 -0.69
C LEU B 94 -19.68 24.64 -0.13
N VAL B 95 -20.34 23.54 -0.51
CA VAL B 95 -21.72 23.27 -0.11
C VAL B 95 -21.67 22.27 1.05
N PRO B 96 -22.02 22.68 2.27
CA PRO B 96 -22.05 21.73 3.39
C PRO B 96 -23.14 20.69 3.25
N ALA B 97 -22.76 19.46 2.87
CA ALA B 97 -23.72 18.37 2.78
C ALA B 97 -24.10 17.80 4.14
N LEU B 98 -23.40 18.20 5.20
CA LEU B 98 -23.68 17.70 6.54
C LEU B 98 -23.17 18.71 7.55
N LYS B 99 -24.04 19.13 8.47
CA LYS B 99 -23.70 20.11 9.49
C LYS B 99 -23.57 19.43 10.84
N LEU B 100 -22.44 19.65 11.50
CA LEU B 100 -22.19 19.09 12.83
C LEU B 100 -21.89 20.26 13.77
N HIS B 101 -22.92 20.70 14.50
CA HIS B 101 -22.78 21.83 15.41
C HIS B 101 -23.20 21.46 16.83
N THR B 108 -16.50 12.46 16.43
CA THR B 108 -16.75 11.33 15.53
C THR B 108 -15.65 11.24 14.46
N LEU B 109 -14.51 11.87 14.75
CA LEU B 109 -13.37 11.84 13.83
C LEU B 109 -12.59 10.54 14.05
N ASP B 110 -12.62 9.66 13.05
CA ASP B 110 -11.92 8.38 13.11
C ASP B 110 -10.61 8.54 12.35
N MSE B 111 -9.57 8.98 13.08
CA MSE B 111 -8.28 9.24 12.47
C MSE B 111 -7.30 8.10 12.68
O MSE B 111 -6.08 8.29 12.60
CB MSE B 111 -7.69 10.55 13.04
CG MSE B 111 -8.51 11.78 12.75
SE MSE B 111 -7.86 13.36 13.68
CE MSE B 111 -8.29 12.83 15.50
N ARG B 112 -7.83 6.90 12.93
CA ARG B 112 -6.97 5.75 13.18
C ARG B 112 -6.46 5.12 11.89
N HIS B 113 -7.21 5.25 10.79
CA HIS B 113 -6.82 4.68 9.51
C HIS B 113 -6.37 5.73 8.51
N SER B 114 -6.29 6.99 8.91
CA SER B 114 -5.98 8.09 8.01
C SER B 114 -4.68 8.75 8.42
N ALA B 115 -4.01 9.37 7.44
CA ALA B 115 -2.77 10.08 7.69
C ALA B 115 -3.06 11.41 8.39
N LEU B 116 -2.00 12.17 8.66
CA LEU B 116 -2.16 13.44 9.32
C LEU B 116 -2.84 14.45 8.40
N CYS B 117 -3.63 15.34 9.00
CA CYS B 117 -4.48 16.31 8.32
C CYS B 117 -5.59 15.64 7.51
N HIS B 118 -5.78 14.34 7.67
CA HIS B 118 -6.87 13.61 7.04
C HIS B 118 -7.63 12.84 8.12
N SER B 119 -8.86 12.47 7.80
CA SER B 119 -9.72 11.84 8.80
C SER B 119 -10.86 11.11 8.11
N TRP B 120 -11.45 10.16 8.83
CA TRP B 120 -12.71 9.53 8.47
C TRP B 120 -13.83 10.10 9.32
N LEU B 121 -15.06 9.99 8.80
CA LEU B 121 -16.24 10.51 9.47
C LEU B 121 -17.19 9.34 9.75
N SER B 122 -17.35 8.99 11.01
CA SER B 122 -18.19 7.87 11.41
C SER B 122 -19.58 8.37 11.76
N LEU B 123 -20.60 7.82 11.11
CA LEU B 123 -22.00 8.14 11.38
C LEU B 123 -22.66 7.12 12.30
N ARG B 124 -21.91 6.61 13.27
CA ARG B 124 -22.37 5.54 14.16
C ARG B 124 -23.17 6.08 15.34
N LEU B 125 -22.76 7.22 15.92
CA LEU B 125 -23.40 7.77 17.11
C LEU B 125 -24.30 8.95 16.79
N PHE B 126 -25.01 8.90 15.67
CA PHE B 126 -25.90 9.98 15.27
C PHE B 126 -27.36 9.53 15.36
N ASP B 127 -28.26 10.45 15.01
CA ASP B 127 -29.68 10.16 15.04
C ASP B 127 -30.03 9.12 13.96
N GLU B 128 -31.05 8.31 14.27
CA GLU B 128 -31.46 7.27 13.34
C GLU B 128 -31.94 7.85 12.01
N GLY B 129 -32.57 9.02 12.05
CA GLY B 129 -33.04 9.63 10.82
C GLY B 129 -31.90 10.05 9.90
N THR B 130 -30.84 10.64 10.46
CA THR B 130 -29.70 11.04 9.65
C THR B 130 -28.94 9.84 9.12
N ILE B 131 -28.89 8.75 9.89
CA ILE B 131 -28.23 7.54 9.40
C ILE B 131 -29.02 6.93 8.25
N SER B 132 -30.35 7.06 8.27
CA SER B 132 -31.17 6.45 7.24
C SER B 132 -31.02 7.20 5.91
N LYS B 133 -31.08 8.53 5.94
CA LYS B 133 -31.05 9.30 4.70
C LYS B 133 -29.67 9.36 4.09
N TRP B 134 -28.61 9.16 4.88
CA TRP B 134 -27.25 9.18 4.36
C TRP B 134 -26.61 7.81 4.31
N LYS B 135 -27.39 6.74 4.47
CA LYS B 135 -26.83 5.40 4.42
C LYS B 135 -26.39 5.02 3.01
N ASP B 136 -27.04 5.59 1.98
CA ASP B 136 -26.67 5.29 0.61
C ASP B 136 -25.28 5.83 0.26
N CYS B 137 -24.86 6.90 0.95
CA CYS B 137 -23.57 7.54 0.68
C CYS B 137 -22.51 7.15 1.71
N CYS B 138 -22.63 5.97 2.31
CA CYS B 138 -21.66 5.49 3.29
C CYS B 138 -21.17 4.11 2.90
N THR B 139 -19.90 3.85 3.21
CA THR B 139 -19.32 2.51 3.06
C THR B 139 -19.57 1.77 4.37
N ILE B 140 -20.62 0.95 4.40
CA ILE B 140 -21.01 0.24 5.62
C ILE B 140 -19.96 -0.83 5.91
N VAL B 141 -19.37 -0.76 7.09
CA VAL B 141 -18.34 -1.70 7.52
C VAL B 141 -18.96 -2.64 8.55
N ASP B 142 -19.17 -3.89 8.16
CA ASP B 142 -19.68 -4.90 9.07
C ASP B 142 -18.54 -5.44 9.94
N HIS B 143 -18.83 -5.59 11.23
CA HIS B 143 -17.84 -6.03 12.20
C HIS B 143 -18.02 -7.50 12.54
N ILE B 144 -16.97 -8.09 13.11
CA ILE B 144 -17.04 -9.47 13.55
C ILE B 144 -17.95 -9.62 14.76
N ASN B 145 -17.92 -8.64 15.66
CA ASN B 145 -18.74 -8.71 16.87
C ASN B 145 -20.22 -8.54 16.57
N GLY B 146 -20.57 -8.05 15.38
CA GLY B 146 -21.96 -7.84 14.99
C GLY B 146 -22.35 -6.39 14.85
N ALA B 147 -21.53 -5.46 15.37
CA ALA B 147 -21.84 -4.05 15.24
C ALA B 147 -21.63 -3.59 13.80
N THR B 148 -22.19 -2.43 13.49
CA THR B 148 -22.08 -1.84 12.16
C THR B 148 -21.61 -0.40 12.28
N ASN B 149 -20.67 -0.03 11.41
CA ASN B 149 -20.12 1.32 11.38
C ASN B 149 -20.41 1.95 10.03
N TYR B 150 -20.72 3.24 10.03
CA TYR B 150 -21.07 3.98 8.82
C TYR B 150 -20.07 5.11 8.64
N PHE B 151 -19.31 5.07 7.55
CA PHE B 151 -18.30 6.07 7.24
C PHE B 151 -18.76 6.90 6.04
N PHE B 152 -18.82 8.22 6.23
CA PHE B 152 -19.28 9.11 5.18
C PHE B 152 -18.33 9.05 3.99
N SER B 153 -18.85 8.60 2.85
CA SER B 153 -18.02 8.34 1.68
C SER B 153 -17.92 9.59 0.81
N PRO B 154 -16.73 10.18 0.64
CA PRO B 154 -16.60 11.34 -0.27
C PRO B 154 -16.93 11.01 -1.70
N THR B 155 -16.67 9.76 -2.14
CA THR B 155 -16.98 9.38 -3.52
C THR B 155 -18.47 9.23 -3.73
N LYS B 156 -19.16 8.55 -2.80
CA LYS B 156 -20.59 8.35 -2.94
C LYS B 156 -21.36 9.65 -2.83
N VAL B 157 -20.92 10.55 -1.93
CA VAL B 157 -21.57 11.85 -1.81
C VAL B 157 -21.40 12.64 -3.09
N ALA B 158 -20.22 12.58 -3.70
CA ALA B 158 -20.01 13.27 -4.98
C ALA B 158 -20.83 12.62 -6.10
N ASP B 159 -20.98 11.29 -6.05
CA ASP B 159 -21.80 10.61 -7.05
C ASP B 159 -23.25 11.08 -6.99
N TRP B 160 -23.82 11.11 -5.78
CA TRP B 160 -25.19 11.58 -5.64
C TRP B 160 -25.32 13.06 -5.95
N PHE B 161 -24.32 13.86 -5.57
CA PHE B 161 -24.38 15.29 -5.83
C PHE B 161 -24.41 15.59 -7.32
N TYR B 162 -23.58 14.90 -8.09
CA TYR B 162 -23.59 15.10 -9.54
C TYR B 162 -24.89 14.60 -10.16
N ASP B 163 -25.48 13.54 -9.60
CA ASP B 163 -26.75 13.04 -10.11
C ASP B 163 -27.88 14.02 -9.84
N SER B 164 -27.96 14.53 -8.60
CA SER B 164 -29.01 15.47 -8.26
C SER B 164 -28.88 16.77 -9.05
N ILE B 165 -27.65 17.25 -9.23
CA ILE B 165 -27.44 18.46 -10.04
C ILE B 165 -27.85 18.21 -11.49
N SER B 166 -27.57 17.01 -11.99
CA SER B 166 -27.86 16.71 -13.40
C SER B 166 -29.36 16.68 -13.66
N ILE B 167 -30.13 16.04 -12.77
CA ILE B 167 -31.56 15.91 -13.03
C ILE B 167 -32.32 17.18 -12.63
N VAL B 168 -31.78 17.96 -11.71
CA VAL B 168 -32.39 19.26 -11.39
C VAL B 168 -32.22 20.21 -12.56
N LEU B 169 -31.02 20.24 -13.17
CA LEU B 169 -30.80 21.10 -14.32
C LEU B 169 -31.57 20.61 -15.54
N SER B 170 -31.60 19.29 -15.76
CA SER B 170 -32.26 18.75 -16.94
C SER B 170 -33.74 19.06 -16.95
N GLU B 171 -34.38 19.03 -15.79
CA GLU B 171 -35.80 19.42 -15.72
C GLU B 171 -35.99 20.88 -16.05
N ILE B 172 -35.01 21.73 -15.74
CA ILE B 172 -35.08 23.13 -16.14
C ILE B 172 -34.87 23.27 -17.64
N GLN B 173 -34.03 22.41 -18.23
CA GLN B 173 -33.80 22.47 -19.67
C GLN B 173 -35.08 22.24 -20.46
N LYS B 174 -36.01 21.47 -19.91
CA LYS B 174 -37.25 21.17 -20.64
C LYS B 174 -38.13 22.40 -20.77
N LYS B 175 -38.28 23.17 -19.69
CA LYS B 175 -39.09 24.38 -19.73
C LYS B 175 -38.43 25.42 -20.63
N PRO B 176 -39.21 26.40 -21.11
CA PRO B 176 -38.63 27.41 -22.00
C PRO B 176 -37.45 28.13 -21.35
N GLN B 177 -36.42 28.36 -22.15
CA GLN B 177 -35.16 28.94 -21.67
C GLN B 177 -35.16 30.45 -21.87
N ARG B 178 -35.98 31.12 -21.06
CA ARG B 178 -36.04 32.58 -21.02
C ARG B 178 -35.67 33.04 -19.62
N GLY B 179 -34.68 33.93 -19.54
CA GLY B 179 -34.18 34.34 -18.25
C GLY B 179 -33.35 33.30 -17.53
N MSE B 180 -33.07 32.18 -18.17
CA MSE B 180 -32.25 31.12 -17.57
C MSE B 180 -30.85 31.16 -18.17
O MSE B 180 -30.69 31.25 -19.38
CB MSE B 180 -32.88 29.76 -17.80
CG MSE B 180 -34.32 29.64 -17.34
SE MSE B 180 -34.50 29.80 -15.41
CE MSE B 180 -36.45 29.71 -15.30
N PRO B 181 -29.84 31.09 -17.31
CA PRO B 181 -28.45 31.04 -17.80
C PRO B 181 -28.24 29.82 -18.69
N LYS B 182 -27.49 30.02 -19.78
CA LYS B 182 -27.18 28.93 -20.69
C LYS B 182 -26.17 27.99 -20.04
N VAL B 183 -26.64 26.80 -19.66
CA VAL B 183 -25.77 25.81 -19.03
C VAL B 183 -24.83 25.24 -20.09
N GLU B 184 -23.60 25.75 -20.13
CA GLU B 184 -22.69 25.37 -21.21
C GLU B 184 -21.90 24.11 -20.91
N LYS B 185 -21.78 23.72 -19.63
CA LYS B 185 -20.99 22.55 -19.29
C LYS B 185 -21.32 22.12 -17.86
N VAL B 186 -21.63 20.83 -17.71
CA VAL B 186 -21.77 20.18 -16.42
C VAL B 186 -20.85 18.97 -16.41
N GLU B 187 -19.97 18.89 -15.42
CA GLU B 187 -18.98 17.82 -15.41
C GLU B 187 -18.65 17.44 -13.98
N LYS B 188 -18.46 16.14 -13.74
CA LYS B 188 -18.05 15.61 -12.45
C LYS B 188 -16.56 15.24 -12.54
N ASN B 189 -15.73 15.98 -11.83
CA ASN B 189 -14.28 15.76 -11.84
C ASN B 189 -13.88 15.22 -10.47
N GLY B 190 -13.89 13.89 -10.35
CA GLY B 190 -13.60 13.26 -9.08
C GLY B 190 -14.68 13.52 -8.05
N THR B 191 -14.34 14.29 -7.01
CA THR B 191 -15.30 14.71 -6.01
C THR B 191 -15.72 16.17 -6.19
N ILE B 192 -15.56 16.72 -7.38
CA ILE B 192 -15.86 18.11 -7.68
C ILE B 192 -16.80 18.16 -8.88
N ILE B 193 -17.86 18.95 -8.77
CA ILE B 193 -18.81 19.17 -9.86
C ILE B 193 -18.54 20.56 -10.42
N SER B 194 -18.15 20.62 -11.69
CA SER B 194 -17.83 21.87 -12.35
C SER B 194 -18.96 22.26 -13.29
N ILE B 195 -19.43 23.51 -13.18
CA ILE B 195 -20.52 24.02 -13.98
C ILE B 195 -20.08 25.33 -14.63
N ILE B 196 -20.34 25.46 -15.92
CA ILE B 196 -20.04 26.69 -16.66
C ILE B 196 -21.37 27.28 -17.12
N LEU B 197 -21.67 28.48 -16.66
CA LEU B 197 -22.91 29.17 -16.98
C LEU B 197 -22.63 30.38 -17.88
N GLY B 198 -23.48 30.56 -18.88
CA GLY B 198 -23.35 31.70 -19.77
C GLY B 198 -24.43 32.73 -19.54
N VAL B 199 -24.06 33.88 -18.97
CA VAL B 199 -25.00 34.96 -18.68
C VAL B 199 -24.52 36.21 -19.39
N GLY B 200 -25.35 36.74 -20.27
CA GLY B 200 -25.01 37.98 -20.94
C GLY B 200 -23.87 37.78 -21.91
N SER B 201 -22.80 38.54 -21.74
CA SER B 201 -21.65 38.49 -22.64
C SER B 201 -20.46 37.77 -22.05
N SER B 202 -20.64 37.06 -20.94
CA SER B 202 -19.54 36.42 -20.22
C SER B 202 -19.91 35.00 -19.85
N ARG B 203 -18.89 34.22 -19.49
CA ARG B 203 -19.03 32.84 -19.07
C ARG B 203 -18.47 32.68 -17.66
N MSE B 204 -19.21 31.98 -16.80
CA MSE B 204 -18.80 31.81 -15.42
C MSE B 204 -18.45 30.36 -15.14
O MSE B 204 -19.01 29.44 -15.76
CB MSE B 204 -19.92 32.27 -14.47
CG MSE B 204 -20.89 33.24 -15.11
SE MSE B 204 -20.09 34.95 -15.60
CE MSE B 204 -21.55 35.67 -16.65
N LEU B 205 -17.52 30.13 -14.21
CA LEU B 205 -17.10 28.80 -13.82
C LEU B 205 -17.36 28.62 -12.32
N TYR B 206 -18.05 27.54 -11.97
CA TYR B 206 -18.39 27.25 -10.58
C TYR B 206 -17.96 25.83 -10.25
N ASP B 207 -16.96 25.69 -9.39
CA ASP B 207 -16.54 24.39 -8.89
C ASP B 207 -17.25 24.13 -7.57
N ILE B 208 -18.25 23.27 -7.60
CA ILE B 208 -19.06 22.97 -6.41
C ILE B 208 -18.45 21.77 -5.69
N VAL B 209 -18.25 21.92 -4.38
CA VAL B 209 -17.52 20.95 -3.58
C VAL B 209 -18.44 20.47 -2.45
N PRO B 210 -18.74 19.18 -2.36
CA PRO B 210 -19.51 18.67 -1.21
C PRO B 210 -18.63 18.64 0.03
N VAL B 211 -19.05 19.37 1.07
CA VAL B 211 -18.24 19.58 2.26
C VAL B 211 -19.03 19.16 3.49
N VAL B 212 -18.31 18.77 4.53
CA VAL B 212 -18.87 18.52 5.86
C VAL B 212 -18.53 19.70 6.74
N SER B 213 -19.56 20.34 7.30
CA SER B 213 -19.37 21.55 8.10
C SER B 213 -19.17 21.19 9.57
N PHE B 214 -18.28 21.93 10.23
CA PHE B 214 -17.96 21.73 11.64
C PHE B 214 -17.97 23.07 12.35
N LYS B 215 -17.99 23.00 13.69
CA LYS B 215 -17.83 24.17 14.54
C LYS B 215 -16.83 23.83 15.65
N GLY B 216 -15.95 24.78 15.93
CA GLY B 216 -14.88 24.57 16.89
C GLY B 216 -13.57 24.25 16.19
N TRP B 217 -12.61 23.82 17.01
CA TRP B 217 -11.29 23.49 16.49
C TRP B 217 -11.08 21.98 16.47
N PRO B 218 -10.39 21.43 15.46
CA PRO B 218 -10.31 19.97 15.32
C PRO B 218 -9.56 19.26 16.42
N ALA B 219 -9.07 19.98 17.45
CA ALA B 219 -8.28 19.45 18.55
C ALA B 219 -6.97 18.82 18.09
N VAL B 220 -6.74 18.77 16.78
CA VAL B 220 -5.46 18.33 16.23
C VAL B 220 -4.55 19.51 15.94
N ALA B 221 -5.13 20.60 15.43
CA ALA B 221 -4.45 21.88 15.27
C ALA B 221 -4.52 22.73 16.53
N GLN B 222 -4.80 22.12 17.68
CA GLN B 222 -4.89 22.88 18.92
C GLN B 222 -3.53 23.45 19.32
N SER B 223 -2.44 22.81 18.88
CA SER B 223 -1.11 23.36 19.13
C SER B 223 -0.88 24.66 18.39
N TRP B 224 -1.62 24.91 17.30
CA TRP B 224 -1.48 26.16 16.56
C TRP B 224 -2.09 27.35 17.30
N LEU B 225 -3.03 27.11 18.21
CA LEU B 225 -3.69 28.21 18.91
C LEU B 225 -2.78 28.87 19.93
N MSE B 226 -1.89 28.09 20.56
CA MSE B 226 -1.07 28.59 21.66
C MSE B 226 0.01 29.56 21.23
O MSE B 226 0.37 30.48 21.98
CB MSE B 226 -0.44 27.41 22.41
CG MSE B 226 -1.44 26.43 22.99
SE MSE B 226 -2.59 27.25 24.33
CE MSE B 226 -1.23 27.83 25.60
N GLU B 227 0.54 29.37 20.02
CA GLU B 227 1.68 30.16 19.58
C GLU B 227 1.24 31.50 19.01
N ASN B 228 2.23 32.38 18.78
CA ASN B 228 1.96 33.71 18.25
C ASN B 228 1.83 33.67 16.74
N HIS B 229 1.04 34.61 16.20
CA HIS B 229 0.81 34.69 14.78
C HIS B 229 0.70 36.17 14.38
N PHE B 230 0.62 36.40 13.07
CA PHE B 230 0.56 37.77 12.56
C PHE B 230 -0.80 38.42 12.77
N TRP B 231 -1.85 37.63 12.99
CA TRP B 231 -3.21 38.13 13.10
C TRP B 231 -3.65 38.37 14.55
N ASP B 232 -2.77 38.13 15.52
CA ASP B 232 -3.19 38.15 16.93
C ASP B 232 -3.72 39.52 17.33
N GLY B 233 -3.10 40.59 16.85
CA GLY B 233 -3.47 41.92 17.28
C GLY B 233 -4.60 42.55 16.49
N LYS B 234 -4.59 42.38 15.17
CA LYS B 234 -5.53 43.09 14.31
C LYS B 234 -6.93 42.51 14.41
N ILE B 235 -7.11 41.27 13.98
CA ILE B 235 -8.44 40.68 13.86
C ILE B 235 -8.85 40.05 15.19
N THR B 236 -10.15 39.80 15.33
CA THR B 236 -10.68 39.14 16.51
C THR B 236 -10.19 37.69 16.57
N GLU B 237 -10.34 37.09 17.75
CA GLU B 237 -9.84 35.74 17.97
C GLU B 237 -10.88 34.66 17.68
N GLU B 238 -12.17 34.98 17.83
CA GLU B 238 -13.19 33.96 17.65
C GLU B 238 -13.52 33.70 16.18
N GLU B 239 -13.34 34.70 15.31
CA GLU B 239 -13.65 34.50 13.90
C GLU B 239 -12.67 33.54 13.24
N VAL B 240 -11.39 33.61 13.63
CA VAL B 240 -10.40 32.73 13.02
C VAL B 240 -10.55 31.29 13.50
N ILE B 241 -11.13 31.09 14.69
CA ILE B 241 -11.25 29.77 15.29
C ILE B 241 -12.63 29.15 15.09
N SER B 242 -13.59 29.89 14.53
CA SER B 242 -14.98 29.45 14.45
C SER B 242 -15.13 28.44 13.31
N GLY B 243 -14.98 27.16 13.64
CA GLY B 243 -15.34 26.09 12.74
C GLY B 243 -14.27 25.76 11.72
N PHE B 244 -14.42 24.59 11.11
CA PHE B 244 -13.55 24.13 10.04
C PHE B 244 -14.37 23.24 9.11
N TYR B 245 -13.72 22.72 8.07
CA TYR B 245 -14.40 21.97 7.03
C TYR B 245 -13.71 20.64 6.80
N LEU B 246 -14.47 19.70 6.22
CA LEU B 246 -13.94 18.43 5.72
C LEU B 246 -14.18 18.39 4.21
N VAL B 247 -13.11 18.51 3.45
CA VAL B 247 -13.21 18.52 1.99
C VAL B 247 -12.95 17.11 1.45
N PRO B 248 -13.59 16.72 0.34
CA PRO B 248 -13.46 15.35 -0.18
C PRO B 248 -12.16 15.14 -0.95
N ALA B 249 -11.05 15.12 -0.21
CA ALA B 249 -9.74 14.85 -0.77
C ALA B 249 -8.98 13.95 0.19
N CYS B 250 -8.32 12.93 -0.37
CA CYS B 250 -7.58 11.96 0.42
C CYS B 250 -6.09 12.10 0.17
N SER B 251 -5.30 11.53 1.08
CA SER B 251 -3.86 11.51 0.95
C SER B 251 -3.43 10.40 -0.02
N TYR B 252 -2.13 10.31 -0.28
CA TYR B 252 -1.63 9.28 -1.18
C TYR B 252 -1.66 7.90 -0.53
N LYS B 253 -1.70 7.83 0.80
CA LYS B 253 -1.81 6.56 1.50
C LYS B 253 -3.28 6.15 1.71
N GLY B 254 -4.13 7.10 2.08
CA GLY B 254 -5.46 6.78 2.55
C GLY B 254 -6.37 6.25 1.46
N LYS B 255 -7.50 5.73 1.91
CA LYS B 255 -8.54 5.18 1.04
C LYS B 255 -9.46 6.31 0.57
N LYS B 256 -9.62 6.42 -0.75
CA LYS B 256 -10.37 7.55 -1.30
C LYS B 256 -11.85 7.47 -0.94
N ASP B 257 -12.38 6.28 -0.73
CA ASP B 257 -13.81 6.10 -0.47
C ASP B 257 -14.21 6.47 0.95
N ASN B 258 -13.26 6.61 1.88
CA ASN B 258 -13.58 6.89 3.28
C ASN B 258 -12.90 8.13 3.86
N GLU B 259 -11.87 8.67 3.22
CA GLU B 259 -11.01 9.66 3.83
C GLU B 259 -11.32 11.07 3.33
N TRP B 260 -11.37 12.03 4.25
CA TRP B 260 -11.53 13.44 3.95
C TRP B 260 -10.23 14.17 4.27
N ARG B 261 -10.25 15.50 4.13
CA ARG B 261 -9.11 16.34 4.43
C ARG B 261 -9.57 17.55 5.24
N LEU B 262 -8.80 17.88 6.28
CA LEU B 262 -9.11 19.03 7.10
C LEU B 262 -8.81 20.31 6.32
N SER B 263 -9.83 21.14 6.12
CA SER B 263 -9.71 22.38 5.38
C SER B 263 -10.06 23.55 6.29
N PHE B 264 -9.19 24.55 6.32
CA PHE B 264 -9.39 25.77 7.08
C PHE B 264 -9.73 26.95 6.17
N ALA B 265 -10.48 26.67 5.10
CA ALA B 265 -10.82 27.72 4.14
C ALA B 265 -11.58 28.86 4.79
N ARG B 266 -12.45 28.54 5.75
CA ARG B 266 -13.18 29.58 6.46
C ARG B 266 -12.25 30.47 7.27
N SER B 267 -11.22 29.87 7.88
CA SER B 267 -10.28 30.65 8.68
C SER B 267 -9.35 31.47 7.80
N GLU B 268 -8.91 30.91 6.67
CA GLU B 268 -7.96 31.61 5.81
C GLU B 268 -8.56 32.86 5.19
N VAL B 269 -9.87 32.86 4.93
CA VAL B 269 -10.51 34.05 4.37
C VAL B 269 -10.39 35.23 5.34
N GLN B 270 -10.59 34.98 6.63
CA GLN B 270 -10.40 36.03 7.62
C GLN B 270 -8.93 36.41 7.76
N LEU B 271 -8.02 35.48 7.46
CA LEU B 271 -6.59 35.80 7.51
C LEU B 271 -6.15 36.64 6.33
N LYS B 272 -6.85 36.56 5.20
CA LYS B 272 -6.47 37.34 4.03
C LYS B 272 -6.63 38.84 4.31
N LYS B 273 -7.65 39.22 5.06
CA LYS B 273 -7.88 40.63 5.38
C LYS B 273 -6.89 41.17 6.40
N CYS B 274 -6.12 40.30 7.06
CA CYS B 274 -5.10 40.73 8.02
C CYS B 274 -3.75 40.98 7.37
N ILE B 275 -3.58 40.58 6.11
CA ILE B 275 -2.32 40.76 5.39
C ILE B 275 -2.41 42.04 4.57
N SER B 276 -1.33 42.81 4.58
CA SER B 276 -1.30 44.06 3.81
C SER B 276 -1.41 43.76 2.32
N SER B 277 -2.00 44.71 1.59
CA SER B 277 -2.22 44.53 0.17
C SER B 277 -0.91 44.38 -0.60
N SER B 278 0.17 44.99 -0.09
CA SER B 278 1.47 44.88 -0.77
C SER B 278 2.00 43.45 -0.69
N LEU B 279 1.80 42.78 0.45
CA LEU B 279 2.24 41.39 0.57
C LEU B 279 1.39 40.45 -0.29
N MSE B 280 0.17 40.84 -0.62
CA MSE B 280 -0.74 39.99 -1.37
C MSE B 280 -0.49 40.09 -2.88
O MSE B 280 -0.75 39.14 -3.63
CB MSE B 280 -2.19 40.35 -1.05
CG MSE B 280 -3.21 39.30 -1.49
SE MSE B 280 -3.05 37.65 -0.46
CE MSE B 280 -3.44 38.37 1.31
N GLN B 281 0.01 41.24 -3.33
CA GLN B 281 0.24 41.43 -4.76
C GLN B 281 1.42 40.59 -5.24
N ALA B 282 2.49 40.52 -4.46
CA ALA B 282 3.63 39.69 -4.85
C ALA B 282 3.29 38.21 -4.79
N TYR B 283 2.40 37.81 -3.87
CA TYR B 283 1.98 36.42 -3.80
C TYR B 283 1.22 36.02 -5.06
N GLN B 284 0.32 36.89 -5.54
CA GLN B 284 -0.39 36.61 -6.79
C GLN B 284 0.58 36.58 -7.97
N ALA B 285 1.61 37.44 -7.93
CA ALA B 285 2.64 37.39 -8.97
C ALA B 285 3.49 36.13 -8.85
N CYS B 286 3.80 35.72 -7.62
CA CYS B 286 4.53 34.48 -7.42
C CYS B 286 3.68 33.27 -7.81
N LYS B 287 2.38 33.33 -7.52
CA LYS B 287 1.50 32.22 -7.88
C LYS B 287 1.42 32.06 -9.39
N ALA B 288 1.40 33.17 -10.13
CA ALA B 288 1.30 33.10 -11.59
C ALA B 288 2.57 32.52 -12.23
N ILE B 289 3.70 32.55 -11.52
CA ILE B 289 4.94 32.07 -12.10
C ILE B 289 5.07 30.55 -11.95
N ILE B 290 4.59 29.98 -10.85
CA ILE B 290 4.85 28.59 -10.52
C ILE B 290 3.60 27.72 -10.57
N ILE B 291 2.43 28.29 -10.88
CA ILE B 291 1.22 27.48 -10.90
C ILE B 291 1.24 26.51 -12.07
N LYS B 292 1.81 26.93 -13.21
CA LYS B 292 1.91 26.08 -14.39
C LYS B 292 3.30 25.50 -14.58
N LEU B 293 4.33 26.21 -14.16
CA LEU B 293 5.70 25.72 -14.34
C LEU B 293 5.95 24.47 -13.50
N LEU B 294 5.47 24.47 -12.26
CA LEU B 294 5.69 23.37 -11.33
C LEU B 294 4.44 22.51 -11.14
N SER B 295 3.70 22.26 -12.22
CA SER B 295 2.44 21.55 -12.13
C SER B 295 2.54 20.06 -12.43
N ARG B 296 3.44 19.67 -13.33
CA ARG B 296 3.54 18.27 -13.72
C ARG B 296 4.89 17.70 -13.30
N PRO B 297 4.96 16.39 -12.97
CA PRO B 297 3.85 15.41 -12.92
C PRO B 297 2.88 15.67 -11.77
N LYS B 298 3.42 15.85 -10.57
CA LYS B 298 2.66 16.27 -9.40
C LYS B 298 3.03 17.69 -9.03
N ALA B 299 2.03 18.50 -8.73
CA ALA B 299 2.20 19.94 -8.66
C ALA B 299 2.68 20.41 -7.30
N ILE B 300 3.36 21.55 -7.30
CA ILE B 300 3.52 22.38 -6.11
C ILE B 300 2.30 23.30 -6.12
N SER B 301 1.20 22.81 -5.55
CA SER B 301 -0.10 23.47 -5.70
C SER B 301 -0.07 24.90 -5.16
N PRO B 302 -0.95 25.75 -5.64
CA PRO B 302 -1.03 27.12 -5.10
C PRO B 302 -1.34 27.16 -3.61
N TYR B 303 -1.92 26.09 -3.05
CA TYR B 303 -2.14 26.05 -1.61
C TYR B 303 -0.83 25.87 -0.86
N HIS B 304 0.16 25.20 -1.48
CA HIS B 304 1.48 25.12 -0.88
C HIS B 304 2.11 26.50 -0.76
N LEU B 305 2.04 27.29 -1.83
CA LEU B 305 2.57 28.65 -1.78
C LEU B 305 1.76 29.52 -0.82
N ARG B 306 0.45 29.29 -0.74
CA ARG B 306 -0.38 30.05 0.20
C ARG B 306 0.01 29.73 1.65
N SER B 307 0.25 28.46 1.95
CA SER B 307 0.65 28.08 3.30
C SER B 307 1.99 28.70 3.66
N MSE B 308 2.96 28.64 2.75
CA MSE B 308 4.28 29.22 2.97
C MSE B 308 4.19 30.72 3.22
O MSE B 308 4.91 31.25 4.06
CB MSE B 308 5.18 28.95 1.76
CG MSE B 308 5.65 27.51 1.65
SE MSE B 308 6.40 27.18 -0.12
CE MSE B 308 7.03 28.98 -0.50
N MSE B 309 3.32 31.39 2.48
CA MSE B 309 3.10 32.82 2.65
C MSE B 309 2.59 33.12 4.05
O MSE B 309 2.99 34.10 4.68
CB MSE B 309 2.12 33.35 1.60
CG MSE B 309 1.84 34.83 1.73
SE MSE B 309 0.17 35.36 0.87
CE MSE B 309 0.22 37.26 1.27
N LEU B 310 1.69 32.25 4.54
CA LEU B 310 1.20 32.40 5.91
C LEU B 310 2.32 32.21 6.93
N TRP B 311 3.27 31.33 6.65
CA TRP B 311 4.44 31.20 7.52
C TRP B 311 5.31 32.45 7.44
N ALA B 312 5.40 33.06 6.26
CA ALA B 312 6.21 34.27 6.10
C ALA B 312 5.60 35.44 6.85
N CYS B 313 4.28 35.49 6.99
CA CYS B 313 3.65 36.57 7.73
C CYS B 313 3.94 36.48 9.21
N ASP B 314 4.12 35.26 9.74
CA ASP B 314 4.49 35.11 11.15
C ASP B 314 5.93 35.49 11.39
N ARG B 315 6.79 35.38 10.38
CA ARG B 315 8.22 35.67 10.54
C ARG B 315 8.57 37.13 10.24
N LEU B 316 7.73 37.85 9.52
CA LEU B 316 8.05 39.24 9.18
C LEU B 316 8.01 40.10 10.44
N PRO B 317 8.93 41.07 10.56
CA PRO B 317 8.90 41.99 11.71
C PRO B 317 7.79 43.02 11.57
N ALA B 318 7.77 44.02 12.45
CA ALA B 318 6.76 45.06 12.36
C ALA B 318 6.92 45.91 11.10
N ASN B 319 8.10 45.93 10.51
CA ASN B 319 8.34 46.70 9.30
C ASN B 319 7.68 46.05 8.08
N ASP B 325 8.11 49.88 -0.05
CA ASP B 325 8.86 49.11 -1.04
C ASP B 325 9.33 47.78 -0.45
N TYR B 326 8.41 46.82 -0.35
CA TYR B 326 8.76 45.50 0.15
C TYR B 326 8.04 44.38 -0.60
N ALA B 327 7.48 44.69 -1.77
CA ALA B 327 6.82 43.65 -2.57
C ALA B 327 7.82 42.76 -3.28
N ALA B 328 8.90 43.36 -3.81
CA ALA B 328 9.91 42.56 -4.49
C ALA B 328 10.69 41.68 -3.50
N HIS B 329 11.01 42.23 -2.33
CA HIS B 329 11.69 41.45 -1.31
C HIS B 329 10.82 40.30 -0.82
N PHE B 330 9.51 40.55 -0.66
CA PHE B 330 8.60 39.48 -0.27
C PHE B 330 8.42 38.49 -1.41
N LEU B 331 8.47 38.95 -2.66
CA LEU B 331 8.40 38.05 -3.80
C LEU B 331 9.60 37.10 -3.83
N LEU B 332 10.81 37.66 -3.68
CA LEU B 332 12.00 36.83 -3.64
C LEU B 332 12.05 35.98 -2.38
N GLY B 333 11.46 36.45 -1.28
CA GLY B 333 11.41 35.65 -0.08
C GLY B 333 10.52 34.43 -0.22
N LEU B 334 9.40 34.58 -0.93
CA LEU B 334 8.53 33.43 -1.19
C LEU B 334 9.22 32.42 -2.10
N ILE B 335 10.01 32.91 -3.06
CA ILE B 335 10.74 31.99 -3.95
C ILE B 335 11.83 31.26 -3.19
N ASP B 336 12.53 31.98 -2.29
CA ASP B 336 13.55 31.34 -1.48
C ASP B 336 12.94 30.29 -0.55
N ASP B 337 11.77 30.60 0.02
CA ASP B 337 11.10 29.63 0.88
C ASP B 337 10.69 28.38 0.09
N LEU B 338 10.29 28.56 -1.18
CA LEU B 338 9.96 27.41 -2.01
C LEU B 338 11.20 26.64 -2.42
N GLN B 339 12.33 27.34 -2.63
CA GLN B 339 13.59 26.64 -2.86
C GLN B 339 14.02 25.85 -1.64
N HIS B 340 13.89 26.45 -0.45
CA HIS B 340 14.26 25.75 0.78
C HIS B 340 13.31 24.59 1.06
N CYS B 341 12.04 24.71 0.66
CA CYS B 341 11.12 23.60 0.83
C CYS B 341 11.41 22.46 -0.14
N LEU B 342 11.92 22.78 -1.33
CA LEU B 342 12.26 21.75 -2.30
C LEU B 342 13.58 21.06 -1.95
N VAL B 343 14.49 21.76 -1.26
CA VAL B 343 15.73 21.12 -0.83
C VAL B 343 15.44 20.07 0.25
N ASN B 344 14.62 20.44 1.23
CA ASN B 344 14.30 19.56 2.35
C ASN B 344 13.12 18.63 2.07
N LYS B 345 12.42 18.83 0.94
CA LYS B 345 11.20 18.07 0.64
C LYS B 345 10.19 18.19 1.78
N MSE B 346 10.02 19.41 2.27
CA MSE B 346 9.22 19.67 3.46
C MSE B 346 8.48 21.00 3.37
O MSE B 346 9.08 22.05 3.13
CB MSE B 346 10.11 19.65 4.70
CG MSE B 346 9.45 20.13 5.99
SE MSE B 346 8.05 18.93 6.61
CE MSE B 346 7.59 19.83 8.28
N CYS B 347 7.16 20.95 3.54
CA CYS B 347 6.32 22.14 3.56
C CYS B 347 5.23 21.95 4.60
N PRO B 348 5.34 22.58 5.76
CA PRO B 348 4.36 22.37 6.83
C PRO B 348 3.04 23.07 6.55
N ASN B 349 1.96 22.43 6.98
CA ASN B 349 0.66 23.09 6.97
C ASN B 349 0.64 24.20 8.01
N TYR B 350 0.07 25.34 7.64
CA TYR B 350 0.11 26.51 8.53
C TYR B 350 -0.67 26.26 9.82
N PHE B 351 -1.70 25.42 9.76
CA PHE B 351 -2.51 25.12 10.93
C PHE B 351 -2.10 23.82 11.62
N ILE B 352 -1.67 22.82 10.85
CA ILE B 352 -1.15 21.58 11.42
C ILE B 352 0.31 21.46 11.00
N PRO B 353 1.24 22.04 11.78
CA PRO B 353 2.64 22.11 11.32
C PRO B 353 3.31 20.75 11.20
N GLN B 354 2.78 19.72 11.84
CA GLN B 354 3.40 18.39 11.75
C GLN B 354 3.06 17.66 10.47
N CYS B 355 2.17 18.22 9.64
CA CYS B 355 1.77 17.58 8.39
C CYS B 355 2.64 18.11 7.25
N ASN B 356 3.37 17.21 6.58
CA ASN B 356 4.19 17.56 5.44
C ASN B 356 3.36 17.40 4.16
N MSE B 357 3.10 18.50 3.48
CA MSE B 357 2.25 18.49 2.30
C MSE B 357 3.00 18.12 1.02
O MSE B 357 2.39 17.95 -0.03
CB MSE B 357 1.56 19.85 2.13
CG MSE B 357 0.73 20.27 3.33
SE MSE B 357 -0.10 22.01 3.10
CE MSE B 357 1.50 23.06 2.79
N LEU B 358 4.32 18.00 1.12
CA LEU B 358 5.14 17.56 0.01
C LEU B 358 5.61 16.12 0.15
N GLU B 359 5.04 15.38 1.10
CA GLU B 359 5.48 14.01 1.34
C GLU B 359 5.07 13.07 0.21
N HIS B 360 3.99 13.40 -0.50
CA HIS B 360 3.51 12.56 -1.59
C HIS B 360 4.37 12.65 -2.85
N LEU B 361 5.34 13.54 -2.87
CA LEU B 361 6.21 13.72 -4.03
C LEU B 361 7.38 12.76 -3.98
N SER B 362 7.93 12.46 -5.15
CA SER B 362 9.13 11.64 -5.24
C SER B 362 10.37 12.53 -5.25
N GLU B 363 11.53 11.90 -5.04
CA GLU B 363 12.78 12.63 -5.07
C GLU B 363 13.02 13.24 -6.45
N GLU B 364 12.63 12.53 -7.51
CA GLU B 364 12.84 13.03 -8.86
C GLU B 364 11.95 14.23 -9.14
N THR B 365 10.69 14.20 -8.69
CA THR B 365 9.77 15.29 -8.96
C THR B 365 10.22 16.57 -8.26
N VAL B 366 10.59 16.47 -6.98
CA VAL B 366 11.02 17.64 -6.24
C VAL B 366 12.31 18.21 -6.84
N MSE B 367 13.19 17.34 -7.33
CA MSE B 367 14.43 17.76 -7.96
C MSE B 367 14.15 18.44 -9.29
O MSE B 367 14.81 19.42 -9.65
CB MSE B 367 15.35 16.56 -8.14
CG MSE B 367 16.66 16.87 -8.84
SE MSE B 367 17.79 15.27 -8.93
CE MSE B 367 19.04 15.85 -10.29
N LEU B 368 13.16 17.93 -10.03
CA LEU B 368 12.78 18.55 -11.29
C LEU B 368 12.20 19.95 -11.06
N HIS B 369 11.38 20.10 -10.03
CA HIS B 369 10.85 21.42 -9.69
C HIS B 369 11.94 22.35 -9.19
N ALA B 370 12.96 21.79 -8.52
CA ALA B 370 14.05 22.62 -8.01
C ALA B 370 14.89 23.19 -9.15
N ARG B 371 15.00 22.47 -10.26
CA ARG B 371 15.72 23.00 -11.42
C ARG B 371 14.94 24.12 -12.08
N LYS B 372 13.64 23.92 -12.27
CA LYS B 372 12.80 24.96 -12.87
C LYS B 372 12.74 26.19 -11.96
N LEU B 373 12.62 25.97 -10.65
CA LEU B 373 12.59 27.09 -9.72
C LEU B 373 13.93 27.81 -9.65
N SER B 374 15.02 27.09 -9.94
CA SER B 374 16.33 27.73 -10.01
C SER B 374 16.36 28.78 -11.11
N SER B 375 15.75 28.49 -12.26
CA SER B 375 15.66 29.48 -13.32
C SER B 375 14.78 30.64 -12.93
N VAL B 376 13.79 30.41 -12.06
CA VAL B 376 12.92 31.49 -11.61
C VAL B 376 13.68 32.46 -10.73
N ARG B 377 14.33 31.96 -9.69
CA ARG B 377 15.09 32.83 -8.79
C ARG B 377 16.29 33.45 -9.50
N SER B 378 16.83 32.78 -10.52
CA SER B 378 17.96 33.33 -11.26
C SER B 378 17.55 34.57 -12.04
N ASP B 379 16.36 34.55 -12.64
CA ASP B 379 15.86 35.67 -13.45
C ASP B 379 14.37 35.84 -13.19
N PRO B 380 14.01 36.46 -12.05
CA PRO B 380 12.57 36.60 -11.75
C PRO B 380 11.88 37.65 -12.61
N ALA B 381 12.60 38.70 -13.02
CA ALA B 381 11.97 39.77 -13.79
C ALA B 381 11.49 39.27 -15.16
N GLU B 382 12.21 38.32 -15.76
CA GLU B 382 11.80 37.82 -17.07
C GLU B 382 10.62 36.86 -16.96
N HIS B 383 10.58 36.04 -15.91
CA HIS B 383 9.43 35.15 -15.72
C HIS B 383 8.19 35.94 -15.29
N LEU B 384 8.38 37.09 -14.66
CA LEU B 384 7.25 37.94 -14.31
C LEU B 384 6.70 38.67 -15.52
N ARG B 385 7.56 39.00 -16.49
CA ARG B 385 7.06 39.58 -17.74
C ARG B 385 6.24 38.56 -18.53
N THR B 386 6.69 37.30 -18.56
CA THR B 386 5.94 36.26 -19.24
C THR B 386 4.59 36.03 -18.57
N ALA B 387 4.55 36.12 -17.24
CA ALA B 387 3.29 35.99 -16.53
C ALA B 387 2.33 37.14 -16.86
N ILE B 388 2.88 38.32 -17.12
CA ILE B 388 2.04 39.45 -17.54
C ILE B 388 1.45 39.18 -18.92
N GLU B 389 2.30 38.76 -19.86
CA GLU B 389 1.82 38.45 -21.21
C GLU B 389 0.80 37.31 -21.20
N HIS B 390 0.90 36.41 -20.22
CA HIS B 390 -0.12 35.36 -20.09
C HIS B 390 -1.43 35.93 -19.58
N VAL B 391 -1.38 36.96 -18.73
CA VAL B 391 -2.59 37.61 -18.26
C VAL B 391 -3.12 38.58 -19.31
N LYS B 392 -2.23 39.25 -20.04
CA LYS B 392 -2.66 40.13 -21.12
C LYS B 392 -3.46 39.37 -22.16
N ALA B 393 -2.96 38.20 -22.58
CA ALA B 393 -3.64 37.42 -23.61
C ALA B 393 -4.96 36.87 -23.11
N ALA B 394 -5.04 36.52 -21.82
CA ALA B 394 -6.28 35.99 -21.28
C ALA B 394 -7.34 37.08 -21.15
N ASN B 395 -6.93 38.32 -20.85
CA ASN B 395 -7.88 39.41 -20.78
C ASN B 395 -8.41 39.79 -22.16
N ARG B 396 -7.55 39.73 -23.18
CA ARG B 396 -7.97 40.13 -24.52
C ARG B 396 -8.92 39.12 -25.14
N LEU B 397 -8.85 37.85 -24.72
CA LEU B 397 -9.77 36.85 -25.24
C LEU B 397 -11.17 37.06 -24.72
N THR B 398 -11.32 37.34 -23.42
CA THR B 398 -12.63 37.59 -22.86
C THR B 398 -13.23 38.88 -23.44
N LEU B 399 -12.41 39.90 -23.64
CA LEU B 399 -12.91 41.17 -24.15
C LEU B 399 -13.46 41.01 -25.56
N GLU B 400 -12.82 40.18 -26.39
CA GLU B 400 -13.31 39.97 -27.74
C GLU B 400 -14.63 39.22 -27.75
N LEU B 401 -14.80 38.27 -26.82
CA LEU B 401 -16.07 37.57 -26.73
C LEU B 401 -17.16 38.44 -26.10
N GLN B 402 -16.78 39.34 -25.19
CA GLN B 402 -17.75 40.25 -24.61
C GLN B 402 -18.22 41.29 -25.61
N ARG B 403 -17.34 41.71 -26.53
CA ARG B 403 -17.76 42.61 -27.60
C ARG B 403 -18.71 41.89 -28.58
N ARG B 404 -18.55 40.59 -28.74
CA ARG B 404 -19.39 39.81 -29.65
C ARG B 404 -20.78 39.62 -29.07
S SO4 C . 8.75 0.45 -14.46
O1 SO4 C . 9.17 1.86 -14.44
O2 SO4 C . 9.73 -0.35 -13.73
O3 SO4 C . 8.66 -0.01 -15.84
O4 SO4 C . 7.45 0.32 -13.82
S SO4 D . -8.66 -34.03 6.83
O1 SO4 D . -8.45 -35.42 6.42
O2 SO4 D . -7.90 -33.76 8.05
O3 SO4 D . -10.08 -33.80 7.09
O4 SO4 D . -8.21 -33.13 5.77
S SO4 E . -23.94 39.44 -4.15
O1 SO4 E . -23.17 38.74 -5.18
O2 SO4 E . -23.07 39.73 -3.01
O3 SO4 E . -24.46 40.68 -4.70
O4 SO4 E . -25.05 38.59 -3.70
#